data_1QSX
# 
_entry.id   1QSX 
# 
_audit_conform.dict_name       mmcif_pdbx.dic 
_audit_conform.dict_version    5.392 
_audit_conform.dict_location   http://mmcif.pdb.org/dictionaries/ascii/mmcif_pdbx.dic 
# 
loop_
_database_2.database_id 
_database_2.database_code 
_database_2.pdbx_database_accession 
_database_2.pdbx_DOI 
PDB   1QSX         pdb_00001qsx 10.2210/pdb1qsx/pdb 
RCSB  RCSB009227   ?            ?                   
WWPDB D_1000009227 ?            ?                   
# 
loop_
_pdbx_audit_revision_history.ordinal 
_pdbx_audit_revision_history.data_content_type 
_pdbx_audit_revision_history.major_revision 
_pdbx_audit_revision_history.minor_revision 
_pdbx_audit_revision_history.revision_date 
1 'Structure model' 1 0 2000-02-07 
2 'Structure model' 1 1 2008-04-27 
3 'Structure model' 1 2 2011-07-13 
4 'Structure model' 1 3 2022-03-02 
5 'Structure model' 1 4 2024-05-22 
# 
_pdbx_audit_revision_details.ordinal             1 
_pdbx_audit_revision_details.revision_ordinal    1 
_pdbx_audit_revision_details.data_content_type   'Structure model' 
_pdbx_audit_revision_details.provider            repository 
_pdbx_audit_revision_details.type                'Initial release' 
_pdbx_audit_revision_details.description         ? 
_pdbx_audit_revision_details.details             ? 
# 
loop_
_pdbx_audit_revision_group.ordinal 
_pdbx_audit_revision_group.revision_ordinal 
_pdbx_audit_revision_group.data_content_type 
_pdbx_audit_revision_group.group 
1 2 'Structure model' 'Version format compliance' 
2 3 'Structure model' 'Version format compliance' 
3 4 'Structure model' 'Database references'       
4 4 'Structure model' 'Derived calculations'      
5 5 'Structure model' 'Data collection'           
# 
loop_
_pdbx_audit_revision_category.ordinal 
_pdbx_audit_revision_category.revision_ordinal 
_pdbx_audit_revision_category.data_content_type 
_pdbx_audit_revision_category.category 
1 4 'Structure model' database_2            
2 4 'Structure model' pdbx_struct_assembly  
3 4 'Structure model' pdbx_struct_oper_list 
4 4 'Structure model' struct_site           
5 5 'Structure model' chem_comp_atom        
6 5 'Structure model' chem_comp_bond        
# 
loop_
_pdbx_audit_revision_item.ordinal 
_pdbx_audit_revision_item.revision_ordinal 
_pdbx_audit_revision_item.data_content_type 
_pdbx_audit_revision_item.item 
1 4 'Structure model' '_database_2.pdbx_DOI'                
2 4 'Structure model' '_database_2.pdbx_database_accession' 
3 4 'Structure model' '_struct_site.pdbx_auth_asym_id'      
4 4 'Structure model' '_struct_site.pdbx_auth_comp_id'      
5 4 'Structure model' '_struct_site.pdbx_auth_seq_id'       
# 
_pdbx_database_status.status_code                     REL 
_pdbx_database_status.entry_id                        1QSX 
_pdbx_database_status.recvd_initial_deposition_date   1999-06-24 
_pdbx_database_status.deposit_site                    RCSB 
_pdbx_database_status.process_site                    RCSB 
_pdbx_database_status.SG_entry                        . 
_pdbx_database_status.pdb_format_compatible           Y 
_pdbx_database_status.status_code_mr                  ? 
_pdbx_database_status.status_code_sf                  ? 
_pdbx_database_status.status_code_cs                  ? 
_pdbx_database_status.status_code_nmr_data            ? 
_pdbx_database_status.methods_development_category    ? 
# 
loop_
_audit_author.name 
_audit_author.pdbx_ordinal 
'Gavathiotis, E.' 1 
'Sharman, G.J.'   2 
'Searle, M.S.'    3 
# 
loop_
_citation.id 
_citation.title 
_citation.journal_abbrev 
_citation.journal_volume 
_citation.page_first 
_citation.page_last 
_citation.year 
_citation.journal_id_ASTM 
_citation.country 
_citation.journal_id_ISSN 
_citation.journal_id_CSD 
_citation.book_publisher 
_citation.pdbx_database_id_PubMed 
_citation.pdbx_database_id_DOI 
primary 
;Sequence-dependent variation in DNA minor groove width dictates orientational preference of Hoechst 33258 in A-tract recognition: solution NMR structure of the 2:1 complex with d(CTTTTGCAAAAG)(2).
;
'Nucleic Acids Res.' 28 728  735  2000 NARHAD UK 0305-1048 0389 ? 10637324 10.1093/nar/28.3.728 
1       
;Sequence-Specific Interaction of Hoechst 33258 with the Minor Groove of an Adenine-Tract DNA Duplex Studied in Solution by 1H NMR Spectroscopy
;
'Nucleic Acids Res.' 18 3753 3762 1990 NARHAD UK 0305-1048 0389 ? ?        ?                    
# 
loop_
_citation_author.citation_id 
_citation_author.name 
_citation_author.ordinal 
_citation_author.identifier_ORCID 
primary 'Gavathiotis, E.' 1 ? 
primary 'Sharman, G.J.'   2 ? 
primary 'Searle, M.S.'    3 ? 
1       'Searle, M.S.'    4 ? 
1       'Embrey, K.J.'    5 ? 
# 
loop_
_entity.id 
_entity.type 
_entity.src_method 
_entity.pdbx_description 
_entity.formula_weight 
_entity.pdbx_number_of_molecules 
_entity.pdbx_ec 
_entity.pdbx_mutation 
_entity.pdbx_fragment 
_entity.details 
1 polymer     syn "5'-D(CP*TP*TP*TP*TP*GP*CP*AP*AP*AP*AP*G)-3'"                           3661.416 2  ? ? ? 
'COMPLEXED WITH HOECHST 33258' 
2 non-polymer syn 'SODIUM ION'                                                            22.990   19 ? ? ? ? 
3 non-polymer syn "2'-(4-HYDROXYPHENYL)-5-(4-METHYL-1-PIPERAZINYL)-2,5'-BI-BENZIMIDAZOLE" 424.498  2  ? ? ? ? 
# 
_entity_poly.entity_id                      1 
_entity_poly.type                           polydeoxyribonucleotide 
_entity_poly.nstd_linkage                   no 
_entity_poly.nstd_monomer                   no 
_entity_poly.pdbx_seq_one_letter_code       '(DC)(DT)(DT)(DT)(DT)(DG)(DC)(DA)(DA)(DA)(DA)(DG)' 
_entity_poly.pdbx_seq_one_letter_code_can   CTTTTGCAAAAG 
_entity_poly.pdbx_strand_id                 A,B 
_entity_poly.pdbx_target_identifier         ? 
# 
loop_
_pdbx_entity_nonpoly.entity_id 
_pdbx_entity_nonpoly.name 
_pdbx_entity_nonpoly.comp_id 
2 'SODIUM ION'                                                            NA 
3 "2'-(4-HYDROXYPHENYL)-5-(4-METHYL-1-PIPERAZINYL)-2,5'-BI-BENZIMIDAZOLE" HT 
# 
loop_
_entity_poly_seq.entity_id 
_entity_poly_seq.num 
_entity_poly_seq.mon_id 
_entity_poly_seq.hetero 
1 1  DC n 
1 2  DT n 
1 3  DT n 
1 4  DT n 
1 5  DT n 
1 6  DG n 
1 7  DC n 
1 8  DA n 
1 9  DA n 
1 10 DA n 
1 11 DA n 
1 12 DG n 
# 
_pdbx_entity_src_syn.entity_id              1 
_pdbx_entity_src_syn.pdbx_src_id            1 
_pdbx_entity_src_syn.pdbx_alt_source_flag   sample 
_pdbx_entity_src_syn.pdbx_beg_seq_num       ? 
_pdbx_entity_src_syn.pdbx_end_seq_num       ? 
_pdbx_entity_src_syn.organism_scientific    ? 
_pdbx_entity_src_syn.organism_common_name   ? 
_pdbx_entity_src_syn.ncbi_taxonomy_id       ? 
_pdbx_entity_src_syn.details                'SOLID PHASE SYNTHESIS' 
# 
loop_
_chem_comp.id 
_chem_comp.type 
_chem_comp.mon_nstd_flag 
_chem_comp.name 
_chem_comp.pdbx_synonyms 
_chem_comp.formula 
_chem_comp.formula_weight 
DA 'DNA linking' y "2'-DEOXYADENOSINE-5'-MONOPHOSPHATE"                                    ?               'C10 H14 N5 O6 P' 
331.222 
DC 'DNA linking' y "2'-DEOXYCYTIDINE-5'-MONOPHOSPHATE"                                     ?               'C9 H14 N3 O7 P'  
307.197 
DG 'DNA linking' y "2'-DEOXYGUANOSINE-5'-MONOPHOSPHATE"                                    ?               'C10 H14 N5 O7 P' 
347.221 
DT 'DNA linking' y "THYMIDINE-5'-MONOPHOSPHATE"                                            ?               'C10 H15 N2 O8 P' 
322.208 
HT non-polymer   . "2'-(4-HYDROXYPHENYL)-5-(4-METHYL-1-PIPERAZINYL)-2,5'-BI-BENZIMIDAZOLE" 'HOECHST 33258' 'C25 H24 N6 O'    
424.498 
NA non-polymer   . 'SODIUM ION'                                                            ?               'Na 1'            
22.990  
# 
loop_
_pdbx_poly_seq_scheme.asym_id 
_pdbx_poly_seq_scheme.entity_id 
_pdbx_poly_seq_scheme.seq_id 
_pdbx_poly_seq_scheme.mon_id 
_pdbx_poly_seq_scheme.ndb_seq_num 
_pdbx_poly_seq_scheme.pdb_seq_num 
_pdbx_poly_seq_scheme.auth_seq_num 
_pdbx_poly_seq_scheme.pdb_mon_id 
_pdbx_poly_seq_scheme.auth_mon_id 
_pdbx_poly_seq_scheme.pdb_strand_id 
_pdbx_poly_seq_scheme.pdb_ins_code 
_pdbx_poly_seq_scheme.hetero 
A 1 1  DC 1  1  1  DC C A . n 
A 1 2  DT 2  2  2  DT T A . n 
A 1 3  DT 3  3  3  DT T A . n 
A 1 4  DT 4  4  4  DT T A . n 
A 1 5  DT 5  5  5  DT T A . n 
A 1 6  DG 6  6  6  DG G A . n 
A 1 7  DC 7  7  7  DC C A . n 
A 1 8  DA 8  8  8  DA A A . n 
A 1 9  DA 9  9  9  DA A A . n 
A 1 10 DA 10 10 10 DA A A . n 
A 1 11 DA 11 11 11 DA A A . n 
A 1 12 DG 12 12 12 DG G A . n 
B 1 1  DC 1  13 13 DC C B . n 
B 1 2  DT 2  14 14 DT T B . n 
B 1 3  DT 3  15 15 DT T B . n 
B 1 4  DT 4  16 16 DT T B . n 
B 1 5  DT 5  17 17 DT T B . n 
B 1 6  DG 6  18 18 DG G B . n 
B 1 7  DC 7  19 19 DC C B . n 
B 1 8  DA 8  20 20 DA A B . n 
B 1 9  DA 9  21 21 DA A B . n 
B 1 10 DA 10 22 22 DA A B . n 
B 1 11 DA 11 23 23 DA A B . n 
B 1 12 DG 12 24 24 DG G B . n 
# 
loop_
_pdbx_nonpoly_scheme.asym_id 
_pdbx_nonpoly_scheme.entity_id 
_pdbx_nonpoly_scheme.mon_id 
_pdbx_nonpoly_scheme.ndb_seq_num 
_pdbx_nonpoly_scheme.pdb_seq_num 
_pdbx_nonpoly_scheme.auth_seq_num 
_pdbx_nonpoly_scheme.pdb_mon_id 
_pdbx_nonpoly_scheme.auth_mon_id 
_pdbx_nonpoly_scheme.pdb_strand_id 
_pdbx_nonpoly_scheme.pdb_ins_code 
C 2 NA 1 28 28 NA NA A . 
D 2 NA 1 29 29 NA NA A . 
E 2 NA 1 33 33 NA NA A . 
F 2 NA 1 34 34 NA NA A . 
G 2 NA 1 36 36 NA NA A . 
H 2 NA 1 38 38 NA NA A . 
I 2 NA 1 45 45 NA NA A . 
J 3 HT 1 25 25 HT HT B . 
K 3 HT 1 26 26 HT HT B . 
L 2 NA 1 27 27 NA NA B . 
M 2 NA 1 30 30 NA NA B . 
N 2 NA 1 31 31 NA NA B . 
O 2 NA 1 32 32 NA NA B . 
P 2 NA 1 35 35 NA NA B . 
Q 2 NA 1 37 37 NA NA B . 
R 2 NA 1 39 39 NA NA B . 
S 2 NA 1 40 40 NA NA B . 
T 2 NA 1 41 41 NA NA B . 
U 2 NA 1 42 42 NA NA B . 
V 2 NA 1 43 43 NA NA B . 
W 2 NA 1 44 44 NA NA B . 
# 
_cell.entry_id           1QSX 
_cell.length_a           1.000 
_cell.length_b           1.000 
_cell.length_c           1.000 
_cell.angle_alpha        90.00 
_cell.angle_beta         90.00 
_cell.angle_gamma        90.00 
_cell.Z_PDB              1 
_cell.pdbx_unique_axis   ? 
# 
_symmetry.entry_id                         1QSX 
_symmetry.space_group_name_H-M             'P 1' 
_symmetry.pdbx_full_space_group_name_H-M   ? 
_symmetry.cell_setting                     ? 
_symmetry.Int_Tables_number                1 
# 
_exptl.entry_id          1QSX 
_exptl.method            'SOLUTION NMR' 
_exptl.crystals_number   ? 
# 
_struct.entry_id                  1QSX 
_struct.title                     'SOLUTION NMR STRUCTURE OF THE 2:1 HOECHST 33258-D(CTTTTGCAAAAG)2 COMPLEX' 
_struct.pdbx_model_details        ? 
_struct.pdbx_CASP_flag            ? 
_struct.pdbx_model_type_details   ? 
# 
_struct_keywords.entry_id        1QSX 
_struct_keywords.pdbx_keywords   DNA 
_struct_keywords.text            
'DRUG-DNA COMPLEX, HOECHST 33258, DEOXYRIBONUCLEIC ACID, MINOR GROOVE RECOGNITION, DOUBLE HELIX, NMR SPECTROSCOPY, DNA' 
# 
loop_
_struct_asym.id 
_struct_asym.pdbx_blank_PDB_chainid_flag 
_struct_asym.pdbx_modified 
_struct_asym.entity_id 
_struct_asym.details 
A N N 1 ? 
B N N 1 ? 
C N N 2 ? 
D N N 2 ? 
E N N 2 ? 
F N N 2 ? 
G N N 2 ? 
H N N 2 ? 
I N N 2 ? 
J N N 3 ? 
K N N 3 ? 
L N N 2 ? 
M N N 2 ? 
N N N 2 ? 
O N N 2 ? 
P N N 2 ? 
Q N N 2 ? 
R N N 2 ? 
S N N 2 ? 
T N N 2 ? 
U N N 2 ? 
V N N 2 ? 
W N N 2 ? 
# 
_struct_ref.id                         1 
_struct_ref.entity_id                  1 
_struct_ref.db_name                    PDB 
_struct_ref.db_code                    1QSX 
_struct_ref.pdbx_db_accession          1QSX 
_struct_ref.pdbx_db_isoform            ? 
_struct_ref.pdbx_seq_one_letter_code   ? 
_struct_ref.pdbx_align_begin           ? 
# 
loop_
_struct_ref_seq.align_id 
_struct_ref_seq.ref_id 
_struct_ref_seq.pdbx_PDB_id_code 
_struct_ref_seq.pdbx_strand_id 
_struct_ref_seq.seq_align_beg 
_struct_ref_seq.pdbx_seq_align_beg_ins_code 
_struct_ref_seq.seq_align_end 
_struct_ref_seq.pdbx_seq_align_end_ins_code 
_struct_ref_seq.pdbx_db_accession 
_struct_ref_seq.db_align_beg 
_struct_ref_seq.pdbx_db_align_beg_ins_code 
_struct_ref_seq.db_align_end 
_struct_ref_seq.pdbx_db_align_end_ins_code 
_struct_ref_seq.pdbx_auth_seq_align_beg 
_struct_ref_seq.pdbx_auth_seq_align_end 
1 1 1QSX A 1 ? 12 ? 1QSX 1  ? 12 ? 1  12 
2 1 1QSX B 1 ? 12 ? 1QSX 13 ? 24 ? 13 24 
# 
_pdbx_struct_assembly.id                   1 
_pdbx_struct_assembly.details              author_defined_assembly 
_pdbx_struct_assembly.method_details       ? 
_pdbx_struct_assembly.oligomeric_details   dimeric 
_pdbx_struct_assembly.oligomeric_count     2 
# 
_pdbx_struct_assembly_gen.assembly_id       1 
_pdbx_struct_assembly_gen.oper_expression   1 
_pdbx_struct_assembly_gen.asym_id_list      A,B,C,D,E,F,G,H,I,J,K,L,M,N,O,P,Q,R,S,T,U,V,W 
# 
_pdbx_struct_oper_list.id                   1 
_pdbx_struct_oper_list.type                 'identity operation' 
_pdbx_struct_oper_list.name                 1_555 
_pdbx_struct_oper_list.symmetry_operation   x,y,z 
_pdbx_struct_oper_list.matrix[1][1]         1.0000000000 
_pdbx_struct_oper_list.matrix[1][2]         0.0000000000 
_pdbx_struct_oper_list.matrix[1][3]         0.0000000000 
_pdbx_struct_oper_list.vector[1]            0.0000000000 
_pdbx_struct_oper_list.matrix[2][1]         0.0000000000 
_pdbx_struct_oper_list.matrix[2][2]         1.0000000000 
_pdbx_struct_oper_list.matrix[2][3]         0.0000000000 
_pdbx_struct_oper_list.vector[2]            0.0000000000 
_pdbx_struct_oper_list.matrix[3][1]         0.0000000000 
_pdbx_struct_oper_list.matrix[3][2]         0.0000000000 
_pdbx_struct_oper_list.matrix[3][3]         1.0000000000 
_pdbx_struct_oper_list.vector[3]            0.0000000000 
# 
_struct_biol.id   1 
# 
loop_
_struct_conn.id 
_struct_conn.conn_type_id 
_struct_conn.pdbx_leaving_atom_flag 
_struct_conn.pdbx_PDB_id 
_struct_conn.ptnr1_label_asym_id 
_struct_conn.ptnr1_label_comp_id 
_struct_conn.ptnr1_label_seq_id 
_struct_conn.ptnr1_label_atom_id 
_struct_conn.pdbx_ptnr1_label_alt_id 
_struct_conn.pdbx_ptnr1_PDB_ins_code 
_struct_conn.pdbx_ptnr1_standard_comp_id 
_struct_conn.ptnr1_symmetry 
_struct_conn.ptnr2_label_asym_id 
_struct_conn.ptnr2_label_comp_id 
_struct_conn.ptnr2_label_seq_id 
_struct_conn.ptnr2_label_atom_id 
_struct_conn.pdbx_ptnr2_label_alt_id 
_struct_conn.pdbx_ptnr2_PDB_ins_code 
_struct_conn.ptnr1_auth_asym_id 
_struct_conn.ptnr1_auth_comp_id 
_struct_conn.ptnr1_auth_seq_id 
_struct_conn.ptnr2_auth_asym_id 
_struct_conn.ptnr2_auth_comp_id 
_struct_conn.ptnr2_auth_seq_id 
_struct_conn.ptnr2_symmetry 
_struct_conn.pdbx_ptnr3_label_atom_id 
_struct_conn.pdbx_ptnr3_label_seq_id 
_struct_conn.pdbx_ptnr3_label_comp_id 
_struct_conn.pdbx_ptnr3_label_asym_id 
_struct_conn.pdbx_ptnr3_label_alt_id 
_struct_conn.pdbx_ptnr3_PDB_ins_code 
_struct_conn.details 
_struct_conn.pdbx_dist_value 
_struct_conn.pdbx_value_order 
_struct_conn.pdbx_role 
metalc1  metalc ? ? B DA 9  N7 ? ? ? 1_555 Q NA .  NA ? ? B DA 21 B NA 37 1_555 ? ? ? ? ? ? ?            2.536 ? ? 
hydrog1  hydrog ? ? A DC 1  N3 ? ? ? 1_555 B DG 12 N1 ? ? A DC 1  B DG 24 1_555 ? ? ? ? ? ? WATSON-CRICK ?     ? ? 
hydrog2  hydrog ? ? A DC 1  N4 ? ? ? 1_555 B DG 12 O6 ? ? A DC 1  B DG 24 1_555 ? ? ? ? ? ? WATSON-CRICK ?     ? ? 
hydrog3  hydrog ? ? A DC 1  O2 ? ? ? 1_555 B DG 12 N2 ? ? A DC 1  B DG 24 1_555 ? ? ? ? ? ? WATSON-CRICK ?     ? ? 
hydrog4  hydrog ? ? A DT 2  N3 ? ? ? 1_555 B DA 11 N1 ? ? A DT 2  B DA 23 1_555 ? ? ? ? ? ? WATSON-CRICK ?     ? ? 
hydrog5  hydrog ? ? A DT 2  O4 ? ? ? 1_555 B DA 11 N6 ? ? A DT 2  B DA 23 1_555 ? ? ? ? ? ? WATSON-CRICK ?     ? ? 
hydrog6  hydrog ? ? A DT 3  N3 ? ? ? 1_555 B DA 10 N1 ? ? A DT 3  B DA 22 1_555 ? ? ? ? ? ? WATSON-CRICK ?     ? ? 
hydrog7  hydrog ? ? A DT 3  O4 ? ? ? 1_555 B DA 10 N6 ? ? A DT 3  B DA 22 1_555 ? ? ? ? ? ? WATSON-CRICK ?     ? ? 
hydrog8  hydrog ? ? A DT 4  N3 ? ? ? 1_555 B DA 9  N1 ? ? A DT 4  B DA 21 1_555 ? ? ? ? ? ? WATSON-CRICK ?     ? ? 
hydrog9  hydrog ? ? A DT 4  O4 ? ? ? 1_555 B DA 9  N6 ? ? A DT 4  B DA 21 1_555 ? ? ? ? ? ? WATSON-CRICK ?     ? ? 
hydrog10 hydrog ? ? A DT 5  N3 ? ? ? 1_555 B DA 8  N1 ? ? A DT 5  B DA 20 1_555 ? ? ? ? ? ? WATSON-CRICK ?     ? ? 
hydrog11 hydrog ? ? A DT 5  O4 ? ? ? 1_555 B DA 8  N6 ? ? A DT 5  B DA 20 1_555 ? ? ? ? ? ? WATSON-CRICK ?     ? ? 
hydrog12 hydrog ? ? A DG 6  N1 ? ? ? 1_555 B DC 7  N3 ? ? A DG 6  B DC 19 1_555 ? ? ? ? ? ? WATSON-CRICK ?     ? ? 
hydrog13 hydrog ? ? A DG 6  N2 ? ? ? 1_555 B DC 7  O2 ? ? A DG 6  B DC 19 1_555 ? ? ? ? ? ? WATSON-CRICK ?     ? ? 
hydrog14 hydrog ? ? A DG 6  O6 ? ? ? 1_555 B DC 7  N4 ? ? A DG 6  B DC 19 1_555 ? ? ? ? ? ? WATSON-CRICK ?     ? ? 
hydrog15 hydrog ? ? A DC 7  N3 ? ? ? 1_555 B DG 6  N1 ? ? A DC 7  B DG 18 1_555 ? ? ? ? ? ? WATSON-CRICK ?     ? ? 
hydrog16 hydrog ? ? A DC 7  N4 ? ? ? 1_555 B DG 6  O6 ? ? A DC 7  B DG 18 1_555 ? ? ? ? ? ? WATSON-CRICK ?     ? ? 
hydrog17 hydrog ? ? A DC 7  O2 ? ? ? 1_555 B DG 6  N2 ? ? A DC 7  B DG 18 1_555 ? ? ? ? ? ? WATSON-CRICK ?     ? ? 
hydrog18 hydrog ? ? A DA 8  N1 ? ? ? 1_555 B DT 5  N3 ? ? A DA 8  B DT 17 1_555 ? ? ? ? ? ? WATSON-CRICK ?     ? ? 
hydrog19 hydrog ? ? A DA 8  N6 ? ? ? 1_555 B DT 5  O4 ? ? A DA 8  B DT 17 1_555 ? ? ? ? ? ? WATSON-CRICK ?     ? ? 
hydrog20 hydrog ? ? A DA 9  N1 ? ? ? 1_555 B DT 4  N3 ? ? A DA 9  B DT 16 1_555 ? ? ? ? ? ? WATSON-CRICK ?     ? ? 
hydrog21 hydrog ? ? A DA 9  N6 ? ? ? 1_555 B DT 4  O4 ? ? A DA 9  B DT 16 1_555 ? ? ? ? ? ? WATSON-CRICK ?     ? ? 
hydrog22 hydrog ? ? A DA 10 N1 ? ? ? 1_555 B DT 3  N3 ? ? A DA 10 B DT 15 1_555 ? ? ? ? ? ? WATSON-CRICK ?     ? ? 
hydrog23 hydrog ? ? A DA 10 N6 ? ? ? 1_555 B DT 3  O4 ? ? A DA 10 B DT 15 1_555 ? ? ? ? ? ? WATSON-CRICK ?     ? ? 
hydrog24 hydrog ? ? A DA 11 N1 ? ? ? 1_555 B DT 2  N3 ? ? A DA 11 B DT 14 1_555 ? ? ? ? ? ? WATSON-CRICK ?     ? ? 
hydrog25 hydrog ? ? A DA 11 N6 ? ? ? 1_555 B DT 2  O4 ? ? A DA 11 B DT 14 1_555 ? ? ? ? ? ? WATSON-CRICK ?     ? ? 
hydrog26 hydrog ? ? A DG 12 N1 ? ? ? 1_555 B DC 1  N3 ? ? A DG 12 B DC 13 1_555 ? ? ? ? ? ? WATSON-CRICK ?     ? ? 
hydrog27 hydrog ? ? A DG 12 N2 ? ? ? 1_555 B DC 1  O2 ? ? A DG 12 B DC 13 1_555 ? ? ? ? ? ? WATSON-CRICK ?     ? ? 
hydrog28 hydrog ? ? A DG 12 O6 ? ? ? 1_555 B DC 1  N4 ? ? A DG 12 B DC 13 1_555 ? ? ? ? ? ? WATSON-CRICK ?     ? ? 
# 
loop_
_struct_conn_type.id 
_struct_conn_type.criteria 
_struct_conn_type.reference 
metalc ? ? 
hydrog ? ? 
# 
loop_
_struct_site.id 
_struct_site.pdbx_evidence_code 
_struct_site.pdbx_auth_asym_id 
_struct_site.pdbx_auth_comp_id 
_struct_site.pdbx_auth_seq_id 
_struct_site.pdbx_auth_ins_code 
_struct_site.pdbx_num_residues 
_struct_site.details 
AC1 Software B HT 25 ? 8 'BINDING SITE FOR RESIDUE HT B 25' 
AC2 Software B HT 26 ? 8 'BINDING SITE FOR RESIDUE HT B 26' 
AC3 Software B NA 37 ? 1 'BINDING SITE FOR RESIDUE NA B 37' 
# 
loop_
_struct_site_gen.id 
_struct_site_gen.site_id 
_struct_site_gen.pdbx_num_res 
_struct_site_gen.label_comp_id 
_struct_site_gen.label_asym_id 
_struct_site_gen.label_seq_id 
_struct_site_gen.pdbx_auth_ins_code 
_struct_site_gen.auth_comp_id 
_struct_site_gen.auth_asym_id 
_struct_site_gen.auth_seq_id 
_struct_site_gen.label_atom_id 
_struct_site_gen.label_alt_id 
_struct_site_gen.symmetry 
_struct_site_gen.details 
1  AC1 8 DT A 3  ? DT A 3  . ? 1_555 ? 
2  AC1 8 DT A 4  ? DT A 4  . ? 1_555 ? 
3  AC1 8 DT A 5  ? DT A 5  . ? 1_555 ? 
4  AC1 8 DA B 8  ? DA B 20 . ? 1_555 ? 
5  AC1 8 DA B 9  ? DA B 21 . ? 1_555 ? 
6  AC1 8 DA B 10 ? DA B 22 . ? 1_555 ? 
7  AC1 8 DA B 11 ? DA B 23 . ? 1_555 ? 
8  AC1 8 DG B 12 ? DG B 24 . ? 1_555 ? 
9  AC2 8 DA A 9  ? DA A 9  . ? 1_555 ? 
10 AC2 8 DA A 10 ? DA A 10 . ? 1_555 ? 
11 AC2 8 DA A 11 ? DA A 11 . ? 1_555 ? 
12 AC2 8 DG A 12 ? DG A 12 . ? 1_555 ? 
13 AC2 8 DT B 2  ? DT B 14 . ? 1_555 ? 
14 AC2 8 DT B 3  ? DT B 15 . ? 1_555 ? 
15 AC2 8 DT B 4  ? DT B 16 . ? 1_555 ? 
16 AC2 8 DT B 5  ? DT B 17 . ? 1_555 ? 
17 AC3 1 DA B 9  ? DA B 21 . ? 1_555 ? 
# 
loop_
_pdbx_validate_rmsd_angle.id 
_pdbx_validate_rmsd_angle.PDB_model_num 
_pdbx_validate_rmsd_angle.auth_atom_id_1 
_pdbx_validate_rmsd_angle.auth_asym_id_1 
_pdbx_validate_rmsd_angle.auth_comp_id_1 
_pdbx_validate_rmsd_angle.auth_seq_id_1 
_pdbx_validate_rmsd_angle.PDB_ins_code_1 
_pdbx_validate_rmsd_angle.label_alt_id_1 
_pdbx_validate_rmsd_angle.auth_atom_id_2 
_pdbx_validate_rmsd_angle.auth_asym_id_2 
_pdbx_validate_rmsd_angle.auth_comp_id_2 
_pdbx_validate_rmsd_angle.auth_seq_id_2 
_pdbx_validate_rmsd_angle.PDB_ins_code_2 
_pdbx_validate_rmsd_angle.label_alt_id_2 
_pdbx_validate_rmsd_angle.auth_atom_id_3 
_pdbx_validate_rmsd_angle.auth_asym_id_3 
_pdbx_validate_rmsd_angle.auth_comp_id_3 
_pdbx_validate_rmsd_angle.auth_seq_id_3 
_pdbx_validate_rmsd_angle.PDB_ins_code_3 
_pdbx_validate_rmsd_angle.label_alt_id_3 
_pdbx_validate_rmsd_angle.angle_value 
_pdbx_validate_rmsd_angle.angle_target_value 
_pdbx_validate_rmsd_angle.angle_deviation 
_pdbx_validate_rmsd_angle.angle_standard_deviation 
_pdbx_validate_rmsd_angle.linker_flag 
1  1 "O4'" A DC 1  ? ? "C1'" A DC 1  ? ? N1 A DC 1  ? ? 112.33 108.30 4.03  0.30 N 
2  1 N3    A DC 1  ? ? C2    A DC 1  ? ? O2 A DC 1  ? ? 116.79 121.90 -5.11 0.70 N 
3  1 "O4'" A DT 2  ? ? "C1'" A DT 2  ? ? N1 A DT 2  ? ? 110.51 108.30 2.21  0.30 N 
4  1 C6    A DT 4  ? ? C5    A DT 4  ? ? C7 A DT 4  ? ? 119.29 122.90 -3.61 0.60 N 
5  1 "O4'" A DT 5  ? ? "C1'" A DT 5  ? ? N1 A DT 5  ? ? 112.32 108.30 4.02  0.30 N 
6  1 N3    A DT 5  ? ? C2    A DT 5  ? ? O2 A DT 5  ? ? 118.63 122.30 -3.67 0.60 N 
7  1 C6    A DT 5  ? ? C5    A DT 5  ? ? C7 A DT 5  ? ? 118.68 122.90 -4.22 0.60 N 
8  1 "O4'" A DG 6  ? ? "C1'" A DG 6  ? ? N9 A DG 6  ? ? 110.70 108.30 2.40  0.30 N 
9  1 "O4'" A DC 7  ? ? "C1'" A DC 7  ? ? N1 A DC 7  ? ? 110.46 108.30 2.16  0.30 N 
10 1 N3    A DC 7  ? ? C2    A DC 7  ? ? O2 A DC 7  ? ? 116.85 121.90 -5.05 0.70 N 
11 1 C4    A DA 8  ? ? C5    A DA 8  ? ? C6 A DA 8  ? ? 113.70 117.00 -3.30 0.50 N 
12 1 C5    A DA 8  ? ? C6    A DA 8  ? ? N1 A DA 8  ? ? 121.16 117.70 3.46  0.50 N 
13 1 N1    A DA 8  ? ? C6    A DA 8  ? ? N6 A DA 8  ? ? 112.48 118.60 -6.12 0.60 N 
14 1 "O4'" A DA 9  ? ? "C1'" A DA 9  ? ? N9 A DA 9  ? ? 112.36 108.30 4.06  0.30 N 
15 1 C4    A DA 9  ? ? C5    A DA 9  ? ? C6 A DA 9  ? ? 113.40 117.00 -3.60 0.50 N 
16 1 C5    A DA 9  ? ? C6    A DA 9  ? ? N1 A DA 9  ? ? 121.40 117.70 3.70  0.50 N 
17 1 N1    A DA 9  ? ? C6    A DA 9  ? ? N6 A DA 9  ? ? 112.25 118.60 -6.35 0.60 N 
18 1 C4    A DA 10 ? ? C5    A DA 10 ? ? C6 A DA 10 ? ? 113.52 117.00 -3.48 0.50 N 
19 1 C5    A DA 10 ? ? C6    A DA 10 ? ? N1 A DA 10 ? ? 121.44 117.70 3.74  0.50 N 
20 1 N1    A DA 10 ? ? C6    A DA 10 ? ? N6 A DA 10 ? ? 112.21 118.60 -6.39 0.60 N 
21 1 C4    A DA 11 ? ? C5    A DA 11 ? ? C6 A DA 11 ? ? 113.67 117.00 -3.33 0.50 N 
22 1 C5    A DA 11 ? ? C6    A DA 11 ? ? N1 A DA 11 ? ? 121.14 117.70 3.44  0.50 N 
23 1 N1    A DA 11 ? ? C6    A DA 11 ? ? N6 A DA 11 ? ? 113.17 118.60 -5.43 0.60 N 
24 1 "O4'" A DG 12 ? ? "C1'" A DG 12 ? ? N9 A DG 12 ? ? 111.06 108.30 2.76  0.30 N 
25 1 "O4'" B DC 13 ? ? "C1'" B DC 13 ? ? N1 B DC 13 ? ? 111.46 108.30 3.16  0.30 N 
26 1 N3    B DC 13 ? ? C2    B DC 13 ? ? O2 B DC 13 ? ? 116.90 121.90 -5.00 0.70 N 
27 1 C6    B DT 14 ? ? C5    B DT 14 ? ? C7 B DT 14 ? ? 118.22 122.90 -4.68 0.60 N 
28 1 C6    B DT 15 ? ? C5    B DT 15 ? ? C7 B DT 15 ? ? 119.22 122.90 -3.68 0.60 N 
29 1 "O4'" B DT 16 ? ? "C1'" B DT 16 ? ? N1 B DT 16 ? ? 110.54 108.30 2.24  0.30 N 
30 1 "O4'" B DT 17 ? ? "C1'" B DT 17 ? ? N1 B DT 17 ? ? 110.55 108.30 2.25  0.30 N 
31 1 "O4'" B DG 18 ? ? "C1'" B DG 18 ? ? N9 B DG 18 ? ? 112.96 108.30 4.66  0.30 N 
32 1 "O4'" B DC 19 ? ? "C1'" B DC 19 ? ? N1 B DC 19 ? ? 113.90 108.30 5.60  0.30 N 
33 1 C4    B DA 20 ? ? C5    B DA 20 ? ? C6 B DA 20 ? ? 113.57 117.00 -3.43 0.50 N 
34 1 C5    B DA 20 ? ? C6    B DA 20 ? ? N1 B DA 20 ? ? 121.37 117.70 3.67  0.50 N 
35 1 N1    B DA 20 ? ? C6    B DA 20 ? ? N6 B DA 20 ? ? 112.77 118.60 -5.83 0.60 N 
36 1 "O4'" B DA 21 ? ? "C1'" B DA 21 ? ? N9 B DA 21 ? ? 113.08 108.30 4.78  0.30 N 
37 1 C4    B DA 21 ? ? C5    B DA 21 ? ? C6 B DA 21 ? ? 113.87 117.00 -3.13 0.50 N 
38 1 C5    B DA 21 ? ? C6    B DA 21 ? ? N1 B DA 21 ? ? 121.32 117.70 3.62  0.50 N 
39 1 N1    B DA 21 ? ? C6    B DA 21 ? ? N6 B DA 21 ? ? 113.88 118.60 -4.72 0.60 N 
40 1 C4    B DA 22 ? ? C5    B DA 22 ? ? C6 B DA 22 ? ? 113.45 117.00 -3.55 0.50 N 
41 1 C5    B DA 22 ? ? C6    B DA 22 ? ? N1 B DA 22 ? ? 120.86 117.70 3.16  0.50 N 
42 1 N1    B DA 22 ? ? C6    B DA 22 ? ? N6 B DA 22 ? ? 112.54 118.60 -6.06 0.60 N 
43 1 C4    B DA 23 ? ? C5    B DA 23 ? ? C6 B DA 23 ? ? 113.50 117.00 -3.50 0.50 N 
44 1 C5    B DA 23 ? ? C6    B DA 23 ? ? N1 B DA 23 ? ? 121.53 117.70 3.83  0.50 N 
45 1 N1    B DA 23 ? ? C6    B DA 23 ? ? N6 B DA 23 ? ? 113.03 118.60 -5.57 0.60 N 
# 
loop_
_pdbx_validate_planes.id 
_pdbx_validate_planes.PDB_model_num 
_pdbx_validate_planes.auth_comp_id 
_pdbx_validate_planes.auth_asym_id 
_pdbx_validate_planes.auth_seq_id 
_pdbx_validate_planes.PDB_ins_code 
_pdbx_validate_planes.label_alt_id 
_pdbx_validate_planes.rmsd 
_pdbx_validate_planes.type 
1 1 DT A 3  ? ? 0.070 'SIDE CHAIN' 
2 1 DC B 13 ? ? 0.105 'SIDE CHAIN' 
3 1 DT B 15 ? ? 0.066 'SIDE CHAIN' 
4 1 DT B 17 ? ? 0.103 'SIDE CHAIN' 
5 1 DC B 19 ? ? 0.071 'SIDE CHAIN' 
6 1 DA B 20 ? ? 0.050 'SIDE CHAIN' 
7 1 DA B 21 ? ? 0.058 'SIDE CHAIN' 
8 1 DA B 22 ? ? 0.064 'SIDE CHAIN' 
# 
_pdbx_nmr_ensemble.entry_id                             1QSX 
_pdbx_nmr_ensemble.conformers_calculated_total_number   ? 
_pdbx_nmr_ensemble.conformers_submitted_total_number    1 
_pdbx_nmr_ensemble.conformer_selection_criteria         ? 
# 
_pdbx_nmr_sample_details.solution_id      1 
_pdbx_nmr_sample_details.contents         
;1.5mM Hoechst 33258-D(CTTTTGCAAAAG)2
100mM NaCl, 10mM NaH2PO4 buffer
;
_pdbx_nmr_sample_details.solvent_system   
;D2O and
90% H20 10% D20
;
# 
_pdbx_nmr_exptl_sample_conditions.conditions_id       1 
_pdbx_nmr_exptl_sample_conditions.temperature         288 
_pdbx_nmr_exptl_sample_conditions.pressure            ? 
_pdbx_nmr_exptl_sample_conditions.pH                  7.0 
_pdbx_nmr_exptl_sample_conditions.ionic_strength      ? 
_pdbx_nmr_exptl_sample_conditions.pressure_units      ? 
_pdbx_nmr_exptl_sample_conditions.temperature_units   K 
# 
_pdbx_nmr_refine.entry_id           1QSX 
_pdbx_nmr_refine.method             '1NS RESTRAINED MOLECULAR DYNAMICS' 
_pdbx_nmr_refine.details            ? 
_pdbx_nmr_refine.software_ordinal   1 
# 
loop_
_chem_comp_atom.comp_id 
_chem_comp_atom.atom_id 
_chem_comp_atom.type_symbol 
_chem_comp_atom.pdbx_aromatic_flag 
_chem_comp_atom.pdbx_stereo_config 
_chem_comp_atom.pdbx_ordinal 
DA OP3    O  N N 1   
DA P      P  N N 2   
DA OP1    O  N N 3   
DA OP2    O  N N 4   
DA "O5'"  O  N N 5   
DA "C5'"  C  N N 6   
DA "C4'"  C  N R 7   
DA "O4'"  O  N N 8   
DA "C3'"  C  N S 9   
DA "O3'"  O  N N 10  
DA "C2'"  C  N N 11  
DA "C1'"  C  N R 12  
DA N9     N  Y N 13  
DA C8     C  Y N 14  
DA N7     N  Y N 15  
DA C5     C  Y N 16  
DA C6     C  Y N 17  
DA N6     N  N N 18  
DA N1     N  Y N 19  
DA C2     C  Y N 20  
DA N3     N  Y N 21  
DA C4     C  Y N 22  
DA HOP3   H  N N 23  
DA HOP2   H  N N 24  
DA "H5'"  H  N N 25  
DA "H5''" H  N N 26  
DA "H4'"  H  N N 27  
DA "H3'"  H  N N 28  
DA "HO3'" H  N N 29  
DA "H2'"  H  N N 30  
DA "H2''" H  N N 31  
DA "H1'"  H  N N 32  
DA H8     H  N N 33  
DA H61    H  N N 34  
DA H62    H  N N 35  
DA H2     H  N N 36  
DC OP3    O  N N 37  
DC P      P  N N 38  
DC OP1    O  N N 39  
DC OP2    O  N N 40  
DC "O5'"  O  N N 41  
DC "C5'"  C  N N 42  
DC "C4'"  C  N R 43  
DC "O4'"  O  N N 44  
DC "C3'"  C  N S 45  
DC "O3'"  O  N N 46  
DC "C2'"  C  N N 47  
DC "C1'"  C  N R 48  
DC N1     N  N N 49  
DC C2     C  N N 50  
DC O2     O  N N 51  
DC N3     N  N N 52  
DC C4     C  N N 53  
DC N4     N  N N 54  
DC C5     C  N N 55  
DC C6     C  N N 56  
DC HOP3   H  N N 57  
DC HOP2   H  N N 58  
DC "H5'"  H  N N 59  
DC "H5''" H  N N 60  
DC "H4'"  H  N N 61  
DC "H3'"  H  N N 62  
DC "HO3'" H  N N 63  
DC "H2'"  H  N N 64  
DC "H2''" H  N N 65  
DC "H1'"  H  N N 66  
DC H41    H  N N 67  
DC H42    H  N N 68  
DC H5     H  N N 69  
DC H6     H  N N 70  
DG OP3    O  N N 71  
DG P      P  N N 72  
DG OP1    O  N N 73  
DG OP2    O  N N 74  
DG "O5'"  O  N N 75  
DG "C5'"  C  N N 76  
DG "C4'"  C  N R 77  
DG "O4'"  O  N N 78  
DG "C3'"  C  N S 79  
DG "O3'"  O  N N 80  
DG "C2'"  C  N N 81  
DG "C1'"  C  N R 82  
DG N9     N  Y N 83  
DG C8     C  Y N 84  
DG N7     N  Y N 85  
DG C5     C  Y N 86  
DG C6     C  N N 87  
DG O6     O  N N 88  
DG N1     N  N N 89  
DG C2     C  N N 90  
DG N2     N  N N 91  
DG N3     N  N N 92  
DG C4     C  Y N 93  
DG HOP3   H  N N 94  
DG HOP2   H  N N 95  
DG "H5'"  H  N N 96  
DG "H5''" H  N N 97  
DG "H4'"  H  N N 98  
DG "H3'"  H  N N 99  
DG "HO3'" H  N N 100 
DG "H2'"  H  N N 101 
DG "H2''" H  N N 102 
DG "H1'"  H  N N 103 
DG H8     H  N N 104 
DG H1     H  N N 105 
DG H21    H  N N 106 
DG H22    H  N N 107 
DT OP3    O  N N 108 
DT P      P  N N 109 
DT OP1    O  N N 110 
DT OP2    O  N N 111 
DT "O5'"  O  N N 112 
DT "C5'"  C  N N 113 
DT "C4'"  C  N R 114 
DT "O4'"  O  N N 115 
DT "C3'"  C  N S 116 
DT "O3'"  O  N N 117 
DT "C2'"  C  N N 118 
DT "C1'"  C  N R 119 
DT N1     N  N N 120 
DT C2     C  N N 121 
DT O2     O  N N 122 
DT N3     N  N N 123 
DT C4     C  N N 124 
DT O4     O  N N 125 
DT C5     C  N N 126 
DT C7     C  N N 127 
DT C6     C  N N 128 
DT HOP3   H  N N 129 
DT HOP2   H  N N 130 
DT "H5'"  H  N N 131 
DT "H5''" H  N N 132 
DT "H4'"  H  N N 133 
DT "H3'"  H  N N 134 
DT "HO3'" H  N N 135 
DT "H2'"  H  N N 136 
DT "H2''" H  N N 137 
DT "H1'"  H  N N 138 
DT H3     H  N N 139 
DT H71    H  N N 140 
DT H72    H  N N 141 
DT H73    H  N N 142 
DT H6     H  N N 143 
HT O1     O  N N 144 
HT C1     C  Y N 145 
HT C4     C  Y N 146 
HT C2     C  Y N 147 
HT C3     C  Y N 148 
HT C6     C  Y N 149 
HT C5     C  Y N 150 
HT C7     C  Y N 151 
HT N1     N  Y N 152 
HT C8     C  Y N 153 
HT C9     C  Y N 154 
HT N2     N  Y N 155 
HT C10    C  Y N 156 
HT C11    C  Y N 157 
HT C12    C  Y N 158 
HT C13    C  Y N 159 
HT C14    C  Y N 160 
HT N3     N  Y N 161 
HT C15    C  Y N 162 
HT C16    C  Y N 163 
HT N4     N  Y N 164 
HT C17    C  Y N 165 
HT C18    C  Y N 166 
HT C19    C  Y N 167 
HT C20    C  Y N 168 
HT N5     N  N N 169 
HT C21    C  N N 170 
HT C22    C  N N 171 
HT N6     N  N N 172 
HT C23    C  N N 173 
HT C24    C  N N 174 
HT C25    C  N N 175 
HT HO1    H  N N 176 
HT H2     H  N N 177 
HT H3     H  N N 178 
HT H5     H  N N 179 
HT H6     H  N N 180 
HT HN1    H  N N 181 
HT H10    H  N N 182 
HT H11    H  N N 183 
HT H13    H  N N 184 
HT HN3    H  N N 185 
HT H17    H  N N 186 
HT H18    H  N N 187 
HT H20    H  N N 188 
HT H211   H  N N 189 
HT H212   H  N N 190 
HT H221   H  N N 191 
HT H222   H  N N 192 
HT H231   H  N N 193 
HT H232   H  N N 194 
HT H241   H  N N 195 
HT H242   H  N N 196 
HT H253   H  N N 197 
HT H252   H  N N 198 
HT H251   H  N N 199 
NA NA     NA N N 200 
# 
loop_
_chem_comp_bond.comp_id 
_chem_comp_bond.atom_id_1 
_chem_comp_bond.atom_id_2 
_chem_comp_bond.value_order 
_chem_comp_bond.pdbx_aromatic_flag 
_chem_comp_bond.pdbx_stereo_config 
_chem_comp_bond.pdbx_ordinal 
DA OP3   P      sing N N 1   
DA OP3   HOP3   sing N N 2   
DA P     OP1    doub N N 3   
DA P     OP2    sing N N 4   
DA P     "O5'"  sing N N 5   
DA OP2   HOP2   sing N N 6   
DA "O5'" "C5'"  sing N N 7   
DA "C5'" "C4'"  sing N N 8   
DA "C5'" "H5'"  sing N N 9   
DA "C5'" "H5''" sing N N 10  
DA "C4'" "O4'"  sing N N 11  
DA "C4'" "C3'"  sing N N 12  
DA "C4'" "H4'"  sing N N 13  
DA "O4'" "C1'"  sing N N 14  
DA "C3'" "O3'"  sing N N 15  
DA "C3'" "C2'"  sing N N 16  
DA "C3'" "H3'"  sing N N 17  
DA "O3'" "HO3'" sing N N 18  
DA "C2'" "C1'"  sing N N 19  
DA "C2'" "H2'"  sing N N 20  
DA "C2'" "H2''" sing N N 21  
DA "C1'" N9     sing N N 22  
DA "C1'" "H1'"  sing N N 23  
DA N9    C8     sing Y N 24  
DA N9    C4     sing Y N 25  
DA C8    N7     doub Y N 26  
DA C8    H8     sing N N 27  
DA N7    C5     sing Y N 28  
DA C5    C6     sing Y N 29  
DA C5    C4     doub Y N 30  
DA C6    N6     sing N N 31  
DA C6    N1     doub Y N 32  
DA N6    H61    sing N N 33  
DA N6    H62    sing N N 34  
DA N1    C2     sing Y N 35  
DA C2    N3     doub Y N 36  
DA C2    H2     sing N N 37  
DA N3    C4     sing Y N 38  
DC OP3   P      sing N N 39  
DC OP3   HOP3   sing N N 40  
DC P     OP1    doub N N 41  
DC P     OP2    sing N N 42  
DC P     "O5'"  sing N N 43  
DC OP2   HOP2   sing N N 44  
DC "O5'" "C5'"  sing N N 45  
DC "C5'" "C4'"  sing N N 46  
DC "C5'" "H5'"  sing N N 47  
DC "C5'" "H5''" sing N N 48  
DC "C4'" "O4'"  sing N N 49  
DC "C4'" "C3'"  sing N N 50  
DC "C4'" "H4'"  sing N N 51  
DC "O4'" "C1'"  sing N N 52  
DC "C3'" "O3'"  sing N N 53  
DC "C3'" "C2'"  sing N N 54  
DC "C3'" "H3'"  sing N N 55  
DC "O3'" "HO3'" sing N N 56  
DC "C2'" "C1'"  sing N N 57  
DC "C2'" "H2'"  sing N N 58  
DC "C2'" "H2''" sing N N 59  
DC "C1'" N1     sing N N 60  
DC "C1'" "H1'"  sing N N 61  
DC N1    C2     sing N N 62  
DC N1    C6     sing N N 63  
DC C2    O2     doub N N 64  
DC C2    N3     sing N N 65  
DC N3    C4     doub N N 66  
DC C4    N4     sing N N 67  
DC C4    C5     sing N N 68  
DC N4    H41    sing N N 69  
DC N4    H42    sing N N 70  
DC C5    C6     doub N N 71  
DC C5    H5     sing N N 72  
DC C6    H6     sing N N 73  
DG OP3   P      sing N N 74  
DG OP3   HOP3   sing N N 75  
DG P     OP1    doub N N 76  
DG P     OP2    sing N N 77  
DG P     "O5'"  sing N N 78  
DG OP2   HOP2   sing N N 79  
DG "O5'" "C5'"  sing N N 80  
DG "C5'" "C4'"  sing N N 81  
DG "C5'" "H5'"  sing N N 82  
DG "C5'" "H5''" sing N N 83  
DG "C4'" "O4'"  sing N N 84  
DG "C4'" "C3'"  sing N N 85  
DG "C4'" "H4'"  sing N N 86  
DG "O4'" "C1'"  sing N N 87  
DG "C3'" "O3'"  sing N N 88  
DG "C3'" "C2'"  sing N N 89  
DG "C3'" "H3'"  sing N N 90  
DG "O3'" "HO3'" sing N N 91  
DG "C2'" "C1'"  sing N N 92  
DG "C2'" "H2'"  sing N N 93  
DG "C2'" "H2''" sing N N 94  
DG "C1'" N9     sing N N 95  
DG "C1'" "H1'"  sing N N 96  
DG N9    C8     sing Y N 97  
DG N9    C4     sing Y N 98  
DG C8    N7     doub Y N 99  
DG C8    H8     sing N N 100 
DG N7    C5     sing Y N 101 
DG C5    C6     sing N N 102 
DG C5    C4     doub Y N 103 
DG C6    O6     doub N N 104 
DG C6    N1     sing N N 105 
DG N1    C2     sing N N 106 
DG N1    H1     sing N N 107 
DG C2    N2     sing N N 108 
DG C2    N3     doub N N 109 
DG N2    H21    sing N N 110 
DG N2    H22    sing N N 111 
DG N3    C4     sing N N 112 
DT OP3   P      sing N N 113 
DT OP3   HOP3   sing N N 114 
DT P     OP1    doub N N 115 
DT P     OP2    sing N N 116 
DT P     "O5'"  sing N N 117 
DT OP2   HOP2   sing N N 118 
DT "O5'" "C5'"  sing N N 119 
DT "C5'" "C4'"  sing N N 120 
DT "C5'" "H5'"  sing N N 121 
DT "C5'" "H5''" sing N N 122 
DT "C4'" "O4'"  sing N N 123 
DT "C4'" "C3'"  sing N N 124 
DT "C4'" "H4'"  sing N N 125 
DT "O4'" "C1'"  sing N N 126 
DT "C3'" "O3'"  sing N N 127 
DT "C3'" "C2'"  sing N N 128 
DT "C3'" "H3'"  sing N N 129 
DT "O3'" "HO3'" sing N N 130 
DT "C2'" "C1'"  sing N N 131 
DT "C2'" "H2'"  sing N N 132 
DT "C2'" "H2''" sing N N 133 
DT "C1'" N1     sing N N 134 
DT "C1'" "H1'"  sing N N 135 
DT N1    C2     sing N N 136 
DT N1    C6     sing N N 137 
DT C2    O2     doub N N 138 
DT C2    N3     sing N N 139 
DT N3    C4     sing N N 140 
DT N3    H3     sing N N 141 
DT C4    O4     doub N N 142 
DT C4    C5     sing N N 143 
DT C5    C7     sing N N 144 
DT C5    C6     doub N N 145 
DT C7    H71    sing N N 146 
DT C7    H72    sing N N 147 
DT C7    H73    sing N N 148 
DT C6    H6     sing N N 149 
HT O1    C1     sing N N 150 
HT O1    HO1    sing N N 151 
HT C1    C2     doub Y N 152 
HT C1    C6     sing Y N 153 
HT C2    C3     sing Y N 154 
HT C2    H2     sing N N 155 
HT C3    C4     doub Y N 156 
HT C3    H3     sing N N 157 
HT C4    C5     sing Y N 158 
HT C4    C7     sing Y N 159 
HT C5    C6     doub Y N 160 
HT C5    H5     sing N N 161 
HT C6    H6     sing N N 162 
HT C7    N1     sing Y N 163 
HT C7    N2     doub Y N 164 
HT N1    C8     sing Y N 165 
HT N1    HN1    sing N N 166 
HT C8    C9     doub Y N 167 
HT C8    C13    sing Y N 168 
HT C9    N2     sing Y N 169 
HT C9    C10    sing Y N 170 
HT C10   C11    doub Y N 171 
HT C10   H10    sing N N 172 
HT C11   C12    sing Y N 173 
HT C11   H11    sing N N 174 
HT C12   C13    doub Y N 175 
HT C12   C14    sing Y N 176 
HT C13   H13    sing N N 177 
HT C14   N3     sing Y N 178 
HT C14   N4     doub Y N 179 
HT N3    C15    sing Y N 180 
HT N3    HN3    sing N N 181 
HT C15   C16    doub Y N 182 
HT C15   C20    sing Y N 183 
HT C16   N4     sing Y N 184 
HT C16   C17    sing Y N 185 
HT C17   C18    doub Y N 186 
HT C17   H17    sing N N 187 
HT C18   C19    sing Y N 188 
HT C18   H18    sing N N 189 
HT C19   C20    doub Y N 190 
HT C19   N5     sing N N 191 
HT C20   H20    sing N N 192 
HT N5    C21    sing N N 193 
HT N5    C24    sing N N 194 
HT C21   C22    sing N N 195 
HT C21   H211   sing N N 196 
HT C21   H212   sing N N 197 
HT C22   N6     sing N N 198 
HT C22   H221   sing N N 199 
HT C22   H222   sing N N 200 
HT N6    C23    sing N N 201 
HT N6    C25    sing N N 202 
HT C23   C24    sing N N 203 
HT C23   H231   sing N N 204 
HT C23   H232   sing N N 205 
HT C24   H241   sing N N 206 
HT C24   H242   sing N N 207 
HT C25   H253   sing N N 208 
HT C25   H252   sing N N 209 
HT C25   H251   sing N N 210 
# 
loop_
_ndb_struct_conf_na.entry_id 
_ndb_struct_conf_na.feature 
1QSX 'double helix'        
1QSX 'b-form double helix' 
# 
loop_
_ndb_struct_na_base_pair.model_number 
_ndb_struct_na_base_pair.i_label_asym_id 
_ndb_struct_na_base_pair.i_label_comp_id 
_ndb_struct_na_base_pair.i_label_seq_id 
_ndb_struct_na_base_pair.i_symmetry 
_ndb_struct_na_base_pair.j_label_asym_id 
_ndb_struct_na_base_pair.j_label_comp_id 
_ndb_struct_na_base_pair.j_label_seq_id 
_ndb_struct_na_base_pair.j_symmetry 
_ndb_struct_na_base_pair.shear 
_ndb_struct_na_base_pair.stretch 
_ndb_struct_na_base_pair.stagger 
_ndb_struct_na_base_pair.buckle 
_ndb_struct_na_base_pair.propeller 
_ndb_struct_na_base_pair.opening 
_ndb_struct_na_base_pair.pair_number 
_ndb_struct_na_base_pair.pair_name 
_ndb_struct_na_base_pair.i_auth_asym_id 
_ndb_struct_na_base_pair.i_auth_seq_id 
_ndb_struct_na_base_pair.i_PDB_ins_code 
_ndb_struct_na_base_pair.j_auth_asym_id 
_ndb_struct_na_base_pair.j_auth_seq_id 
_ndb_struct_na_base_pair.j_PDB_ins_code 
_ndb_struct_na_base_pair.hbond_type_28 
_ndb_struct_na_base_pair.hbond_type_12 
1 A DC 1  1_555 B DG 12 1_555 -0.293 -0.152 0.699  5.751   -7.451  -4.495 1  A_DC1:DG24_B  A 1  ? B 24 ? 19 1 
1 A DT 2  1_555 B DA 11 1_555 -0.344 -0.034 -0.341 12.442  -24.373 -1.242 2  A_DT2:DA23_B  A 2  ? B 23 ? 20 1 
1 A DT 3  1_555 B DA 10 1_555 -0.348 -0.057 -0.427 7.611   -26.734 1.866  3  A_DT3:DA22_B  A 3  ? B 22 ? 20 1 
1 A DT 4  1_555 B DA 9  1_555 -0.323 0.000  -0.410 -6.848  -16.248 -3.227 4  A_DT4:DA21_B  A 4  ? B 21 ? 20 1 
1 A DT 5  1_555 B DA 8  1_555 -0.201 -0.047 -0.528 -3.680  -15.377 2.511  5  A_DT5:DA20_B  A 5  ? B 20 ? 20 1 
1 A DG 6  1_555 B DC 7  1_555 -0.284 -0.112 0.232  -12.325 -11.918 -0.381 6  A_DG6:DC19_B  A 6  ? B 19 ? 19 1 
1 A DC 7  1_555 B DG 6  1_555 -0.280 -0.046 0.078  -8.860  1.165   -4.020 7  A_DC7:DG18_B  A 7  ? B 18 ? 19 1 
1 A DA 8  1_555 B DT 5  1_555 0.325  0.009  -0.011 -1.039  -9.035  1.381  8  A_DA8:DT17_B  A 8  ? B 17 ? 20 1 
1 A DA 9  1_555 B DT 4  1_555 0.374  -0.006 -0.199 -4.721  -14.355 0.628  9  A_DA9:DT16_B  A 9  ? B 16 ? 20 1 
1 A DA 10 1_555 B DT 3  1_555 0.207  -0.008 -0.143 -12.702 -19.715 -1.784 10 A_DA10:DT15_B A 10 ? B 15 ? 20 1 
1 A DA 11 1_555 B DT 2  1_555 0.133  -0.037 0.516  -3.220  -10.766 1.258  11 A_DA11:DT14_B A 11 ? B 14 ? 20 1 
1 A DG 12 1_555 B DC 1  1_555 -0.342 -0.125 0.682  0.012   -20.749 -1.826 12 A_DG12:DC13_B A 12 ? B 13 ? 19 1 
# 
loop_
_ndb_struct_na_base_pair_step.model_number 
_ndb_struct_na_base_pair_step.i_label_asym_id_1 
_ndb_struct_na_base_pair_step.i_label_comp_id_1 
_ndb_struct_na_base_pair_step.i_label_seq_id_1 
_ndb_struct_na_base_pair_step.i_symmetry_1 
_ndb_struct_na_base_pair_step.j_label_asym_id_1 
_ndb_struct_na_base_pair_step.j_label_comp_id_1 
_ndb_struct_na_base_pair_step.j_label_seq_id_1 
_ndb_struct_na_base_pair_step.j_symmetry_1 
_ndb_struct_na_base_pair_step.i_label_asym_id_2 
_ndb_struct_na_base_pair_step.i_label_comp_id_2 
_ndb_struct_na_base_pair_step.i_label_seq_id_2 
_ndb_struct_na_base_pair_step.i_symmetry_2 
_ndb_struct_na_base_pair_step.j_label_asym_id_2 
_ndb_struct_na_base_pair_step.j_label_comp_id_2 
_ndb_struct_na_base_pair_step.j_label_seq_id_2 
_ndb_struct_na_base_pair_step.j_symmetry_2 
_ndb_struct_na_base_pair_step.shift 
_ndb_struct_na_base_pair_step.slide 
_ndb_struct_na_base_pair_step.rise 
_ndb_struct_na_base_pair_step.tilt 
_ndb_struct_na_base_pair_step.roll 
_ndb_struct_na_base_pair_step.twist 
_ndb_struct_na_base_pair_step.x_displacement 
_ndb_struct_na_base_pair_step.y_displacement 
_ndb_struct_na_base_pair_step.helical_rise 
_ndb_struct_na_base_pair_step.inclination 
_ndb_struct_na_base_pair_step.tip 
_ndb_struct_na_base_pair_step.helical_twist 
_ndb_struct_na_base_pair_step.step_number 
_ndb_struct_na_base_pair_step.step_name 
_ndb_struct_na_base_pair_step.i_auth_asym_id_1 
_ndb_struct_na_base_pair_step.i_auth_seq_id_1 
_ndb_struct_na_base_pair_step.i_PDB_ins_code_1 
_ndb_struct_na_base_pair_step.j_auth_asym_id_1 
_ndb_struct_na_base_pair_step.j_auth_seq_id_1 
_ndb_struct_na_base_pair_step.j_PDB_ins_code_1 
_ndb_struct_na_base_pair_step.i_auth_asym_id_2 
_ndb_struct_na_base_pair_step.i_auth_seq_id_2 
_ndb_struct_na_base_pair_step.i_PDB_ins_code_2 
_ndb_struct_na_base_pair_step.j_auth_asym_id_2 
_ndb_struct_na_base_pair_step.j_auth_seq_id_2 
_ndb_struct_na_base_pair_step.j_PDB_ins_code_2 
1 A DC 1  1_555 B DG 12 1_555 A DT 2  1_555 B DA 11 1_555 0.079  -1.127 2.913 9.367  3.081  33.743 -2.274 1.103  2.727 5.172  
-15.725 35.114 1  AA_DC1DT2:DA23DG24_BB   A 1  ? B 24 ? A 2  ? B 23 ? 
1 A DT 2  1_555 B DA 11 1_555 A DT 3  1_555 B DA 10 1_555 -0.112 -0.210 3.369 2.422  1.393  37.102 -0.519 0.506  3.346 2.185  
-3.800  37.203 2  AA_DT2DT3:DA22DA23_BB   A 2  ? B 23 ? A 3  ? B 22 ? 
1 A DT 3  1_555 B DA 10 1_555 A DT 4  1_555 B DA 9  1_555 0.446  0.042  3.443 2.829  1.244  40.656 -0.085 -0.310 3.465 1.787  
-4.065  40.769 3  AA_DT3DT4:DA21DA22_BB   A 3  ? B 22 ? A 4  ? B 21 ? 
1 A DT 4  1_555 B DA 9  1_555 A DT 5  1_555 B DA 8  1_555 0.254  -0.328 3.174 -0.085 3.193  27.983 -1.395 -0.541 3.117 6.575  
0.175   28.161 4  AA_DT4DT5:DA20DA21_BB   A 4  ? B 21 ? A 5  ? B 20 ? 
1 A DT 5  1_555 B DA 8  1_555 A DG 6  1_555 B DC 7  1_555 0.012  -1.191 3.489 -7.195 14.090 29.015 -4.474 -1.234 2.580 25.841 
13.196  32.966 5  AA_DT5DG6:DC19DA20_BB   A 5  ? B 20 ? A 6  ? B 19 ? 
1 A DG 6  1_555 B DC 7  1_555 A DC 7  1_555 B DG 6  1_555 -0.555 -0.428 3.237 2.871  -0.542 34.826 -0.633 1.350  3.189 -0.904 
-4.786  34.945 6  AA_DG6DC7:DG18DC19_BB   A 6  ? B 19 ? A 7  ? B 18 ? 
1 A DC 7  1_555 B DG 6  1_555 A DA 8  1_555 B DT 5  1_555 -1.219 -0.546 3.124 -1.206 3.908  28.598 -1.921 2.189  3.072 7.860  
2.427   28.883 7  AA_DC7DA8:DT17DG18_BB   A 7  ? B 18 ? A 8  ? B 17 ? 
1 A DA 8  1_555 B DT 5  1_555 A DA 9  1_555 B DT 4  1_555 0.249  -0.533 3.443 0.605  7.315  29.411 -2.549 -0.350 3.224 14.131 
-1.170  30.294 8  AA_DA8DA9:DT16DT17_BB   A 8  ? B 17 ? A 9  ? B 16 ? 
1 A DA 9  1_555 B DT 4  1_555 A DA 10 1_555 B DT 3  1_555 -0.738 -0.260 3.400 -2.554 -5.273 38.417 0.284  0.782  3.445 -7.956 
3.853   38.845 9  AA_DA9DA10:DT15DT16_BB  A 9  ? B 16 ? A 10 ? B 15 ? 
1 A DA 10 1_555 B DT 3  1_555 A DA 11 1_555 B DT 2  1_555 0.066  -0.757 3.022 -4.789 -5.543 31.950 -0.441 -0.894 3.065 -9.909 
8.560   32.757 10 AA_DA10DA11:DT14DT15_BB A 10 ? B 15 ? A 11 ? B 14 ? 
1 A DA 11 1_555 B DT 2  1_555 A DG 12 1_555 B DC 1  1_555 0.109  -0.992 3.146 0.535  2.193  30.729 -2.274 -0.106 3.071 4.131  
-1.007  30.810 11 AA_DA11DG12:DC13DT14_BB A 11 ? B 14 ? A 12 ? B 13 ? 
# 
_pdbx_nmr_spectrometer.spectrometer_id   1 
_pdbx_nmr_spectrometer.type              ? 
_pdbx_nmr_spectrometer.manufacturer      Bruker 
_pdbx_nmr_spectrometer.model             DRX 
_pdbx_nmr_spectrometer.field_strength    500 
# 
_atom_sites.entry_id                    1QSX 
_atom_sites.fract_transf_matrix[1][1]   1.000000 
_atom_sites.fract_transf_matrix[1][2]   0.000000 
_atom_sites.fract_transf_matrix[1][3]   0.000000 
_atom_sites.fract_transf_matrix[2][1]   0.000000 
_atom_sites.fract_transf_matrix[2][2]   1.000000 
_atom_sites.fract_transf_matrix[2][3]   0.000000 
_atom_sites.fract_transf_matrix[3][1]   0.000000 
_atom_sites.fract_transf_matrix[3][2]   0.000000 
_atom_sites.fract_transf_matrix[3][3]   1.000000 
_atom_sites.fract_transf_vector[1]      0.00000 
_atom_sites.fract_transf_vector[2]      0.00000 
_atom_sites.fract_transf_vector[3]      0.00000 
# 
loop_
_atom_type.symbol 
C  
H  
N  
NA 
O  
P  
# 
loop_
_atom_site.group_PDB 
_atom_site.id 
_atom_site.type_symbol 
_atom_site.label_atom_id 
_atom_site.label_alt_id 
_atom_site.label_comp_id 
_atom_site.label_asym_id 
_atom_site.label_entity_id 
_atom_site.label_seq_id 
_atom_site.pdbx_PDB_ins_code 
_atom_site.Cartn_x 
_atom_site.Cartn_y 
_atom_site.Cartn_z 
_atom_site.occupancy 
_atom_site.B_iso_or_equiv 
_atom_site.pdbx_formal_charge 
_atom_site.auth_seq_id 
_atom_site.auth_comp_id 
_atom_site.auth_asym_id 
_atom_site.auth_atom_id 
_atom_site.pdbx_PDB_model_num 
ATOM   1   O  "O5'"  . DC A 1 1  ? 2.265   -19.664 -7.030  1.00 10.00 ? 1  DC A "O5'"  1 
ATOM   2   C  "C5'"  . DC A 1 1  ? 2.025   -18.301 -6.721  1.00 10.00 ? 1  DC A "C5'"  1 
ATOM   3   C  "C4'"  . DC A 1 1  ? 0.519   -18.031 -6.637  1.00 10.00 ? 1  DC A "C4'"  1 
ATOM   4   O  "O4'"  . DC A 1 1  ? 0.037   -18.476 -5.385  1.00 10.00 ? 1  DC A "O4'"  1 
ATOM   5   C  "C3'"  . DC A 1 1  ? 0.176   -16.540 -6.660  1.00 10.00 ? 1  DC A "C3'"  1 
ATOM   6   O  "O3'"  . DC A 1 1  ? 0.105   -15.966 -7.972  1.00 10.00 ? 1  DC A "O3'"  1 
ATOM   7   C  "C2'"  . DC A 1 1  ? -1.160  -16.526 -5.916  1.00 10.00 ? 1  DC A "C2'"  1 
ATOM   8   C  "C1'"  . DC A 1 1  ? -1.215  -17.851 -5.141  1.00 10.00 ? 1  DC A "C1'"  1 
ATOM   9   N  N1     . DC A 1 1  ? -1.476  -17.652 -3.682  1.00 10.00 ? 1  DC A N1     1 
ATOM   10  C  C2     . DC A 1 1  ? -2.772  -17.320 -3.258  1.00 10.00 ? 1  DC A C2     1 
ATOM   11  O  O2     . DC A 1 1  ? -3.699  -17.154 -4.054  1.00 10.00 ? 1  DC A O2     1 
ATOM   12  N  N3     . DC A 1 1  ? -3.054  -17.132 -1.945  1.00 10.00 ? 1  DC A N3     1 
ATOM   13  C  C4     . DC A 1 1  ? -2.076  -17.279 -1.075  1.00 10.00 ? 1  DC A C4     1 
ATOM   14  N  N4     . DC A 1 1  ? -2.379  -17.071 0.172   1.00 10.00 ? 1  DC A N4     1 
ATOM   15  C  C5     . DC A 1 1  ? -0.747  -17.616 -1.432  1.00 10.00 ? 1  DC A C5     1 
ATOM   16  C  C6     . DC A 1 1  ? -0.482  -17.812 -2.747  1.00 10.00 ? 1  DC A C6     1 
ATOM   17  H  "H5'"  . DC A 1 1  ? 2.465   -17.678 -7.499  1.00 10.00 ? 1  DC A "H5'"  1 
ATOM   18  H  "H5''" . DC A 1 1  ? 2.491   -18.042 -5.768  1.00 10.00 ? 1  DC A "H5''" 1 
ATOM   19  H  "H4'"  . DC A 1 1  ? -0.003  -18.547 -7.443  1.00 10.00 ? 1  DC A "H4'"  1 
ATOM   20  H  "H3'"  . DC A 1 1  ? 0.920   -16.030 -6.050  1.00 10.00 ? 1  DC A "H3'"  1 
ATOM   21  H  "H2'"  . DC A 1 1  ? -1.184  -15.676 -5.243  1.00 10.00 ? 1  DC A "H2'"  1 
ATOM   22  H  "H2''" . DC A 1 1  ? -2.001  -16.473 -6.607  1.00 10.00 ? 1  DC A "H2''" 1 
ATOM   23  H  "H1'"  . DC A 1 1  ? -2.014  -18.480 -5.550  1.00 10.00 ? 1  DC A "H1'"  1 
ATOM   24  H  H41    . DC A 1 1  ? -3.329  -16.838 0.417   1.00 10.00 ? 1  DC A H41    1 
ATOM   25  H  H42    . DC A 1 1  ? -1.661  -17.151 0.874   1.00 10.00 ? 1  DC A H42    1 
ATOM   26  H  H5     . DC A 1 1  ? 0.030   -17.741 -0.696  1.00 10.00 ? 1  DC A H5     1 
ATOM   27  H  H6     . DC A 1 1  ? 0.513   -18.096 -3.067  1.00 10.00 ? 1  DC A H6     1 
ATOM   28  H  "HO5'" . DC A 1 1  ? 1.876   -20.235 -6.328  1.00 10.00 ? 1  DC A "HO5'" 1 
ATOM   29  P  P      . DT A 1 2  ? 0.152   -14.371 -8.198  1.00 10.00 ? 2  DT A P      1 
ATOM   30  O  OP1    . DT A 1 2  ? 0.278   -14.120 -9.650  1.00 10.00 ? 2  DT A OP1    1 
ATOM   31  O  OP2    . DT A 1 2  ? 1.180   -13.807 -7.293  1.00 10.00 ? 2  DT A OP2    1 
ATOM   32  O  "O5'"  . DT A 1 2  ? -1.258  -13.821 -7.751  1.00 10.00 ? 2  DT A "O5'"  1 
ATOM   33  C  "C5'"  . DT A 1 2  ? -2.423  -14.104 -8.515  1.00 10.00 ? 2  DT A "C5'"  1 
ATOM   34  C  "C4'"  . DT A 1 2  ? -3.685  -13.716 -7.753  1.00 10.00 ? 2  DT A "C4'"  1 
ATOM   35  O  "O4'"  . DT A 1 2  ? -3.651  -14.364 -6.498  1.00 10.00 ? 2  DT A "O4'"  1 
ATOM   36  C  "C3'"  . DT A 1 2  ? -3.778  -12.210 -7.498  1.00 10.00 ? 2  DT A "C3'"  1 
ATOM   37  O  "O3'"  . DT A 1 2  ? -4.603  -11.558 -8.457  1.00 10.00 ? 2  DT A "O3'"  1 
ATOM   38  C  "C2'"  . DT A 1 2  ? -4.333  -12.152 -6.081  1.00 10.00 ? 2  DT A "C2'"  1 
ATOM   39  C  "C1'"  . DT A 1 2  ? -4.387  -13.590 -5.582  1.00 10.00 ? 2  DT A "C1'"  1 
ATOM   40  N  N1     . DT A 1 2  ? -3.800  -13.694 -4.224  1.00 10.00 ? 2  DT A N1     1 
ATOM   41  C  C2     . DT A 1 2  ? -4.672  -13.780 -3.137  1.00 10.00 ? 2  DT A C2     1 
ATOM   42  O  O2     . DT A 1 2  ? -5.897  -13.766 -3.261  1.00 10.00 ? 2  DT A O2     1 
ATOM   43  N  N3     . DT A 1 2  ? -4.090  -13.858 -1.892  1.00 10.00 ? 2  DT A N3     1 
ATOM   44  C  C4     . DT A 1 2  ? -2.736  -13.881 -1.634  1.00 10.00 ? 2  DT A C4     1 
ATOM   45  O  O4     . DT A 1 2  ? -2.345  -14.018 -0.477  1.00 10.00 ? 2  DT A O4     1 
ATOM   46  C  C5     . DT A 1 2  ? -1.884  -13.757 -2.811  1.00 10.00 ? 2  DT A C5     1 
ATOM   47  C  C7     . DT A 1 2  ? -0.375  -13.789 -2.662  1.00 10.00 ? 2  DT A C7     1 
ATOM   48  C  C6     . DT A 1 2  ? -2.432  -13.646 -4.048  1.00 10.00 ? 2  DT A C6     1 
ATOM   49  H  "H5'"  . DT A 1 2  ? -2.471  -15.172 -8.717  1.00 10.00 ? 2  DT A "H5'"  1 
ATOM   50  H  "H5''" . DT A 1 2  ? -2.395  -13.564 -9.460  1.00 10.00 ? 2  DT A "H5''" 1 
ATOM   51  H  "H4'"  . DT A 1 2  ? -4.569  -14.043 -8.302  1.00 10.00 ? 2  DT A "H4'"  1 
ATOM   52  H  "H3'"  . DT A 1 2  ? -2.774  -11.783 -7.500  1.00 10.00 ? 2  DT A "H3'"  1 
ATOM   53  H  "H2'"  . DT A 1 2  ? -3.660  -11.551 -5.477  1.00 10.00 ? 2  DT A "H2'"  1 
ATOM   54  H  "H2''" . DT A 1 2  ? -5.338  -11.745 -6.047  1.00 10.00 ? 2  DT A "H2''" 1 
ATOM   55  H  "H1'"  . DT A 1 2  ? -5.424  -13.929 -5.583  1.00 10.00 ? 2  DT A "H1'"  1 
ATOM   56  H  H3     . DT A 1 2  ? -4.702  -13.864 -1.090  1.00 10.00 ? 2  DT A H3     1 
ATOM   57  H  H71    . DT A 1 2  ? 0.105   -13.407 -3.560  1.00 10.00 ? 2  DT A H71    1 
ATOM   58  H  H72    . DT A 1 2  ? -0.078  -13.164 -1.820  1.00 10.00 ? 2  DT A H72    1 
ATOM   59  H  H73    . DT A 1 2  ? -0.044  -14.811 -2.484  1.00 10.00 ? 2  DT A H73    1 
ATOM   60  H  H6     . DT A 1 2  ? -1.799  -13.542 -4.920  1.00 10.00 ? 2  DT A H6     1 
ATOM   61  P  P      . DT A 1 3  ? -4.863  -9.975  -8.431  1.00 10.00 ? 3  DT A P      1 
ATOM   62  O  OP1    . DT A 1 3  ? -5.417  -9.592  -9.747  1.00 10.00 ? 3  DT A OP1    1 
ATOM   63  O  OP2    . DT A 1 3  ? -3.645  -9.279  -7.953  1.00 10.00 ? 3  DT A OP2    1 
ATOM   64  O  "O5'"  . DT A 1 3  ? -6.028  -9.742  -7.362  1.00 10.00 ? 3  DT A "O5'"  1 
ATOM   65  C  "C5'"  . DT A 1 3  ? -7.285  -10.412 -7.477  1.00 10.00 ? 3  DT A "C5'"  1 
ATOM   66  C  "C4'"  . DT A 1 3  ? -8.173  -10.237 -6.234  1.00 10.00 ? 3  DT A "C4'"  1 
ATOM   67  O  "O4'"  . DT A 1 3  ? -7.488  -10.744 -5.098  1.00 10.00 ? 3  DT A "O4'"  1 
ATOM   68  C  "C3'"  . DT A 1 3  ? -8.548  -8.771  -5.983  1.00 10.00 ? 3  DT A "C3'"  1 
ATOM   69  O  "O3'"  . DT A 1 3  ? -9.960  -8.618  -5.851  1.00 10.00 ? 3  DT A "O3'"  1 
ATOM   70  C  "C2'"  . DT A 1 3  ? -7.763  -8.447  -4.715  1.00 10.00 ? 3  DT A "C2'"  1 
ATOM   71  C  "C1'"  . DT A 1 3  ? -7.528  -9.800  -4.042  1.00 10.00 ? 3  DT A "C1'"  1 
ATOM   72  N  N1     . DT A 1 3  ? -6.235  -9.855  -3.301  1.00 10.00 ? 3  DT A N1     1 
ATOM   73  C  C2     . DT A 1 3  ? -6.254  -10.113 -1.924  1.00 10.00 ? 3  DT A C2     1 
ATOM   74  O  O2     . DT A 1 3  ? -7.273  -10.147 -1.246  1.00 10.00 ? 3  DT A O2     1 
ATOM   75  N  N3     . DT A 1 3  ? -5.036  -10.307 -1.315  1.00 10.00 ? 3  DT A N3     1 
ATOM   76  C  C4     . DT A 1 3  ? -3.808  -10.189 -1.915  1.00 10.00 ? 3  DT A C4     1 
ATOM   77  O  O4     . DT A 1 3  ? -2.797  -10.410 -1.256  1.00 10.00 ? 3  DT A O4     1 
ATOM   78  C  C5     . DT A 1 3  ? -3.848  -9.804  -3.320  1.00 10.00 ? 3  DT A C5     1 
ATOM   79  C  C7     . DT A 1 3  ? -2.547  -9.569  -4.067  1.00 10.00 ? 3  DT A C7     1 
ATOM   80  C  C6     . DT A 1 3  ? -5.036  -9.667  -3.966  1.00 10.00 ? 3  DT A C6     1 
ATOM   81  H  "H5'"  . DT A 1 3  ? -7.117  -11.481 -7.613  1.00 10.00 ? 3  DT A "H5'"  1 
ATOM   82  H  "H5''" . DT A 1 3  ? -7.819  -10.035 -8.349  1.00 10.00 ? 3  DT A "H5''" 1 
ATOM   83  H  "H4'"  . DT A 1 3  ? -9.088  -10.814 -6.375  1.00 10.00 ? 3  DT A "H4'"  1 
ATOM   84  H  "H3'"  . DT A 1 3  ? -8.187  -8.156  -6.805  1.00 10.00 ? 3  DT A "H3'"  1 
ATOM   85  H  "H2'"  . DT A 1 3  ? -6.819  -7.993  -5.010  1.00 10.00 ? 3  DT A "H2'"  1 
ATOM   86  H  "H2''" . DT A 1 3  ? -8.300  -7.781  -4.050  1.00 10.00 ? 3  DT A "H2''" 1 
ATOM   87  H  "H1'"  . DT A 1 3  ? -8.370  -10.028 -3.377  1.00 10.00 ? 3  DT A "H1'"  1 
ATOM   88  H  H3     . DT A 1 3  ? -5.034  -10.484 -0.318  1.00 10.00 ? 3  DT A H3     1 
ATOM   89  H  H71    . DT A 1 3  ? -1.969  -8.803  -3.550  1.00 10.00 ? 3  DT A H71    1 
ATOM   90  H  H72    . DT A 1 3  ? -1.968  -10.492 -4.078  1.00 10.00 ? 3  DT A H72    1 
ATOM   91  H  H73    . DT A 1 3  ? -2.734  -9.250  -5.092  1.00 10.00 ? 3  DT A H73    1 
ATOM   92  H  H6     . DT A 1 3  ? -5.056  -9.428  -5.021  1.00 10.00 ? 3  DT A H6     1 
ATOM   93  P  P      . DT A 1 4  ? -10.668 -7.178  -5.807  1.00 10.00 ? 4  DT A P      1 
ATOM   94  O  OP1    . DT A 1 4  ? -12.115 -7.386  -6.030  1.00 10.00 ? 4  DT A OP1    1 
ATOM   95  O  OP2    . DT A 1 4  ? -9.940  -6.278  -6.731  1.00 10.00 ? 4  DT A OP2    1 
ATOM   96  O  "O5'"  . DT A 1 4  ? -10.466 -6.631  -4.321  1.00 10.00 ? 4  DT A "O5'"  1 
ATOM   97  C  "C5'"  . DT A 1 4  ? -11.182 -7.218  -3.236  1.00 10.00 ? 4  DT A "C5'"  1 
ATOM   98  C  "C4'"  . DT A 1 4  ? -10.637 -6.861  -1.852  1.00 10.00 ? 4  DT A "C4'"  1 
ATOM   99  O  "O4'"  . DT A 1 4  ? -9.303  -7.306  -1.717  1.00 10.00 ? 4  DT A "O4'"  1 
ATOM   100 C  "C3'"  . DT A 1 4  ? -10.680 -5.369  -1.522  1.00 10.00 ? 4  DT A "C3'"  1 
ATOM   101 O  "O3'"  . DT A 1 4  ? -11.749 -5.104  -0.623  1.00 10.00 ? 4  DT A "O3'"  1 
ATOM   102 C  "C2'"  . DT A 1 4  ? -9.296  -5.134  -0.916  1.00 10.00 ? 4  DT A "C2'"  1 
ATOM   103 C  "C1'"  . DT A 1 4  ? -8.698  -6.527  -0.705  1.00 10.00 ? 4  DT A "C1'"  1 
ATOM   104 N  N1     . DT A 1 4  ? -7.226  -6.558  -0.907  1.00 10.00 ? 4  DT A N1     1 
ATOM   105 C  C2     . DT A 1 4  ? -6.394  -6.881  0.173   1.00 10.00 ? 4  DT A C2     1 
ATOM   106 O  O2     . DT A 1 4  ? -6.786  -6.989  1.328   1.00 10.00 ? 4  DT A O2     1 
ATOM   107 N  N3     . DT A 1 4  ? -5.054  -7.036  -0.102  1.00 10.00 ? 4  DT A N3     1 
ATOM   108 C  C4     . DT A 1 4  ? -4.462  -6.815  -1.323  1.00 10.00 ? 4  DT A C4     1 
ATOM   109 O  O4     . DT A 1 4  ? -3.250  -6.962  -1.442  1.00 10.00 ? 4  DT A O4     1 
ATOM   110 C  C5     . DT A 1 4  ? -5.370  -6.398  -2.387  1.00 10.00 ? 4  DT A C5     1 
ATOM   111 C  C7     . DT A 1 4  ? -4.830  -6.073  -3.767  1.00 10.00 ? 4  DT A C7     1 
ATOM   112 C  C6     . DT A 1 4  ? -6.701  -6.289  -2.154  1.00 10.00 ? 4  DT A C6     1 
ATOM   113 H  "H5'"  . DT A 1 4  ? -11.155 -8.306  -3.329  1.00 10.00 ? 4  DT A "H5'"  1 
ATOM   114 H  "H5''" . DT A 1 4  ? -12.219 -6.891  -3.278  1.00 10.00 ? 4  DT A "H5''" 1 
ATOM   115 H  "H4'"  . DT A 1 4  ? -11.242 -7.369  -1.106  1.00 10.00 ? 4  DT A "H4'"  1 
ATOM   116 H  "H3'"  . DT A 1 4  ? -10.798 -4.790  -2.437  1.00 10.00 ? 4  DT A "H3'"  1 
ATOM   117 H  "H2'"  . DT A 1 4  ? -8.697  -4.561  -1.618  1.00 10.00 ? 4  DT A "H2'"  1 
ATOM   118 H  "H2''" . DT A 1 4  ? -9.354  -4.606  0.024   1.00 10.00 ? 4  DT A "H2''" 1 
ATOM   119 H  "H1'"  . DT A 1 4  ? -8.970  -6.905  0.290   1.00 10.00 ? 4  DT A "H1'"  1 
ATOM   120 H  H3     . DT A 1 4  ? -4.454  -7.276  0.678   1.00 10.00 ? 4  DT A H3     1 
ATOM   121 H  H71    . DT A 1 4  ? -4.330  -5.105  -3.742  1.00 10.00 ? 4  DT A H71    1 
ATOM   122 H  H72    . DT A 1 4  ? -4.112  -6.835  -4.065  1.00 10.00 ? 4  DT A H72    1 
ATOM   123 H  H73    . DT A 1 4  ? -5.630  -6.035  -4.505  1.00 10.00 ? 4  DT A H73    1 
ATOM   124 H  H6     . DT A 1 4  ? -7.372  -5.993  -2.946  1.00 10.00 ? 4  DT A H6     1 
ATOM   125 P  P      . DT A 1 5  ? -12.187 -3.630  -0.206  1.00 10.00 ? 5  DT A P      1 
ATOM   126 O  OP1    . DT A 1 5  ? -13.534 -3.733  0.390   1.00 10.00 ? 5  DT A OP1    1 
ATOM   127 O  OP2    . DT A 1 5  ? -11.993 -2.722  -1.360  1.00 10.00 ? 5  DT A OP2    1 
ATOM   128 O  "O5'"  . DT A 1 5  ? -11.176 -3.155  0.949   1.00 10.00 ? 5  DT A "O5'"  1 
ATOM   129 C  "C5'"  . DT A 1 5  ? -11.179 -3.780  2.236   1.00 10.00 ? 5  DT A "C5'"  1 
ATOM   130 C  "C4'"  . DT A 1 5  ? -9.869  -3.638  3.030   1.00 10.00 ? 5  DT A "C4'"  1 
ATOM   131 O  "O4'"  . DT A 1 5  ? -8.791  -4.218  2.313   1.00 10.00 ? 5  DT A "O4'"  1 
ATOM   132 C  "C3'"  . DT A 1 5  ? -9.425  -2.211  3.351   1.00 10.00 ? 5  DT A "C3'"  1 
ATOM   133 O  "O3'"  . DT A 1 5  ? -9.966  -1.686  4.560   1.00 10.00 ? 5  DT A "O3'"  1 
ATOM   134 C  "C2'"  . DT A 1 5  ? -7.904  -2.370  3.410   1.00 10.00 ? 5  DT A "C2'"  1 
ATOM   135 C  "C1'"  . DT A 1 5  ? -7.586  -3.776  2.908   1.00 10.00 ? 5  DT A "C1'"  1 
ATOM   136 N  N1     . DT A 1 5  ? -6.447  -3.777  1.949   1.00 10.00 ? 5  DT A N1     1 
ATOM   137 C  C2     . DT A 1 5  ? -5.177  -4.149  2.412   1.00 10.00 ? 5  DT A C2     1 
ATOM   138 O  O2     . DT A 1 5  ? -4.911  -4.393  3.580   1.00 10.00 ? 5  DT A O2     1 
ATOM   139 N  N3     . DT A 1 5  ? -4.166  -4.194  1.484   1.00 10.00 ? 5  DT A N3     1 
ATOM   140 C  C4     . DT A 1 5  ? -4.268  -3.821  0.167   1.00 10.00 ? 5  DT A C4     1 
ATOM   141 O  O4     . DT A 1 5  ? -3.272  -3.898  -0.549  1.00 10.00 ? 5  DT A O4     1 
ATOM   142 C  C5     . DT A 1 5  ? -5.597  -3.366  -0.242  1.00 10.00 ? 5  DT A C5     1 
ATOM   143 C  C7     . DT A 1 5  ? -5.853  -2.880  -1.658  1.00 10.00 ? 5  DT A C7     1 
ATOM   144 C  C6     . DT A 1 5  ? -6.626  -3.359  0.646   1.00 10.00 ? 5  DT A C6     1 
ATOM   145 H  "H5'"  . DT A 1 5  ? -11.352 -4.849  2.104   1.00 10.00 ? 5  DT A "H5'"  1 
ATOM   146 H  "H5''" . DT A 1 5  ? -11.995 -3.380  2.837   1.00 10.00 ? 5  DT A "H5''" 1 
ATOM   147 H  "H4'"  . DT A 1 5  ? -9.985  -4.159  3.980   1.00 10.00 ? 5  DT A "H4'"  1 
ATOM   148 H  "H3'"  . DT A 1 5  ? -9.688  -1.567  2.518   1.00 10.00 ? 5  DT A "H3'"  1 
ATOM   149 H  "H2'"  . DT A 1 5  ? -7.444  -1.604  2.790   1.00 10.00 ? 5  DT A "H2'"  1 
ATOM   150 H  "H2''" . DT A 1 5  ? -7.544  -2.308  4.430   1.00 10.00 ? 5  DT A "H2''" 1 
ATOM   151 H  "H1'"  . DT A 1 5  ? -7.345  -4.415  3.765   1.00 10.00 ? 5  DT A "H1'"  1 
ATOM   152 H  H3     . DT A 1 5  ? -3.259  -4.458  1.841   1.00 10.00 ? 5  DT A H3     1 
ATOM   153 H  H71    . DT A 1 5  ? -5.903  -1.793  -1.663  1.00 10.00 ? 5  DT A H71    1 
ATOM   154 H  H72    . DT A 1 5  ? -5.048  -3.200  -2.319  1.00 10.00 ? 5  DT A H72    1 
ATOM   155 H  H73    . DT A 1 5  ? -6.792  -3.285  -2.032  1.00 10.00 ? 5  DT A H73    1 
ATOM   156 H  H6     . DT A 1 5  ? -7.606  -3.019  0.350   1.00 10.00 ? 5  DT A H6     1 
ATOM   157 P  P      . DG A 1 6  ? -9.701  -0.162  4.992   1.00 10.00 ? 6  DG A P      1 
ATOM   158 O  OP1    . DG A 1 6  ? -10.553 0.182   6.150   1.00 10.00 ? 6  DG A OP1    1 
ATOM   159 O  OP2    . DG A 1 6  ? -9.813  0.699   3.795   1.00 10.00 ? 6  DG A OP2    1 
ATOM   160 O  "O5'"  . DG A 1 6  ? -8.198  -0.079  5.468   1.00 10.00 ? 6  DG A "O5'"  1 
ATOM   161 C  "C5'"  . DG A 1 6  ? -7.727  -0.787  6.614   1.00 10.00 ? 6  DG A "C5'"  1 
ATOM   162 C  "C4'"  . DG A 1 6  ? -6.200  -0.737  6.740   1.00 10.00 ? 6  DG A "C4'"  1 
ATOM   163 O  "O4'"  . DG A 1 6  ? -5.592  -1.423  5.659   1.00 10.00 ? 6  DG A "O4'"  1 
ATOM   164 C  "C3'"  . DG A 1 6  ? -5.609  0.668   6.671   1.00 10.00 ? 6  DG A "C3'"  1 
ATOM   165 O  "O3'"  . DG A 1 6  ? -5.711  1.352   7.909   1.00 10.00 ? 6  DG A "O3'"  1 
ATOM   166 C  "C2'"  . DG A 1 6  ? -4.177  0.353   6.258   1.00 10.00 ? 6  DG A "C2'"  1 
ATOM   167 C  "C1'"  . DG A 1 6  ? -4.235  -1.033  5.620   1.00 10.00 ? 6  DG A "C1'"  1 
ATOM   168 N  N9     . DG A 1 6  ? -3.738  -1.006  4.225   1.00 10.00 ? 6  DG A N9     1 
ATOM   169 C  C8     . DG A 1 6  ? -4.458  -0.848  3.070   1.00 10.00 ? 6  DG A C8     1 
ATOM   170 N  N7     . DG A 1 6  ? -3.744  -0.892  1.973   1.00 10.00 ? 6  DG A N7     1 
ATOM   171 C  C5     . DG A 1 6  ? -2.433  -1.076  2.449   1.00 10.00 ? 6  DG A C5     1 
ATOM   172 C  C6     . DG A 1 6  ? -1.170  -1.192  1.768   1.00 10.00 ? 6  DG A C6     1 
ATOM   173 O  O6     . DG A 1 6  ? -0.948  -1.176  0.555   1.00 10.00 ? 6  DG A O6     1 
ATOM   174 N  N1     . DG A 1 6  ? -0.092  -1.314  2.622   1.00 10.00 ? 6  DG A N1     1 
ATOM   175 C  C2     . DG A 1 6  ? -0.194  -1.280  3.972   1.00 10.00 ? 6  DG A C2     1 
ATOM   176 N  N2     . DG A 1 6  ? 0.914   -1.327  4.649   1.00 10.00 ? 6  DG A N2     1 
ATOM   177 N  N3     . DG A 1 6  ? -1.336  -1.163  4.646   1.00 10.00 ? 6  DG A N3     1 
ATOM   178 C  C4     . DG A 1 6  ? -2.429  -1.089  3.828   1.00 10.00 ? 6  DG A C4     1 
ATOM   179 H  "H5'"  . DG A 1 6  ? -8.029  -1.834  6.565   1.00 10.00 ? 6  DG A "H5'"  1 
ATOM   180 H  "H5''" . DG A 1 6  ? -8.159  -0.364  7.515   1.00 10.00 ? 6  DG A "H5''" 1 
ATOM   181 H  "H4'"  . DG A 1 6  ? -5.898  -1.202  7.683   1.00 10.00 ? 6  DG A "H4'"  1 
ATOM   182 H  "H3'"  . DG A 1 6  ? -6.096  1.230   5.874   1.00 10.00 ? 6  DG A "H3'"  1 
ATOM   183 H  "H2'"  . DG A 1 6  ? -3.844  1.100   5.548   1.00 10.00 ? 6  DG A "H2'"  1 
ATOM   184 H  "H2''" . DG A 1 6  ? -3.513  0.309   7.121   1.00 10.00 ? 6  DG A "H2''" 1 
ATOM   185 H  "H1'"  . DG A 1 6  ? -3.630  -1.723  6.214   1.00 10.00 ? 6  DG A "H1'"  1 
ATOM   186 H  H8     . DG A 1 6  ? -5.528  -0.708  3.103   1.00 10.00 ? 6  DG A H8     1 
ATOM   187 H  H1     . DG A 1 6  ? 0.821   -1.490  2.230   1.00 10.00 ? 6  DG A H1     1 
ATOM   188 H  H21    . DG A 1 6  ? 1.791   -1.531  4.179   1.00 10.00 ? 6  DG A H21    1 
ATOM   189 H  H22    . DG A 1 6  ? 0.890   -1.208  5.656   1.00 10.00 ? 6  DG A H22    1 
ATOM   190 P  P      . DC A 1 7  ? -5.097  2.807   8.157   1.00 10.00 ? 7  DC A P      1 
ATOM   191 O  OP1    . DC A 1 7  ? -5.657  3.289   9.430   1.00 10.00 ? 7  DC A OP1    1 
ATOM   192 O  OP2    . DC A 1 7  ? -5.335  3.640   6.958   1.00 10.00 ? 7  DC A OP2    1 
ATOM   193 O  "O5'"  . DC A 1 7  ? -3.507  2.654   8.279   1.00 10.00 ? 7  DC A "O5'"  1 
ATOM   194 C  "C5'"  . DC A 1 7  ? -2.879  1.919   9.322   1.00 10.00 ? 7  DC A "C5'"  1 
ATOM   195 C  "C4'"  . DC A 1 7  ? -1.337  1.936   9.207   1.00 10.00 ? 7  DC A "C4'"  1 
ATOM   196 O  "O4'"  . DC A 1 7  ? -0.885  1.397   7.955   1.00 10.00 ? 7  DC A "O4'"  1 
ATOM   197 C  "C3'"  . DC A 1 7  ? -0.739  3.343   9.337   1.00 10.00 ? 7  DC A "C3'"  1 
ATOM   198 O  "O3'"  . DC A 1 7  ? 0.465   3.262   10.088  1.00 10.00 ? 7  DC A "O3'"  1 
ATOM   199 C  "C2'"  . DC A 1 7  ? -0.508  3.711   7.877   1.00 10.00 ? 7  DC A "C2'"  1 
ATOM   200 C  "C1'"  . DC A 1 7  ? -0.104  2.372   7.264   1.00 10.00 ? 7  DC A "C1'"  1 
ATOM   201 N  N1     . DC A 1 7  ? -0.380  2.318   5.797   1.00 10.00 ? 7  DC A N1     1 
ATOM   202 C  C2     . DC A 1 7  ? 0.649   2.069   4.873   1.00 10.00 ? 7  DC A C2     1 
ATOM   203 O  O2     . DC A 1 7  ? 1.817   1.889   5.220   1.00 10.00 ? 7  DC A O2     1 
ATOM   204 N  N3     . DC A 1 7  ? 0.388   2.010   3.539   1.00 10.00 ? 7  DC A N3     1 
ATOM   205 C  C4     . DC A 1 7  ? -0.856  2.173   3.146   1.00 10.00 ? 7  DC A C4     1 
ATOM   206 N  N4     . DC A 1 7  ? -1.065  2.135   1.863   1.00 10.00 ? 7  DC A N4     1 
ATOM   207 C  C5     . DC A 1 7  ? -1.937  2.425   4.019   1.00 10.00 ? 7  DC A C5     1 
ATOM   208 C  C6     . DC A 1 7  ? -1.658  2.503   5.342   1.00 10.00 ? 7  DC A C6     1 
ATOM   209 H  "H5'"  . DC A 1 7  ? -3.222  0.885   9.303   1.00 10.00 ? 7  DC A "H5'"  1 
ATOM   210 H  "H5''" . DC A 1 7  ? -3.165  2.349   10.284  1.00 10.00 ? 7  DC A "H5''" 1 
ATOM   211 H  "H4'"  . DC A 1 7  ? -0.945  1.326   10.022  1.00 10.00 ? 7  DC A "H4'"  1 
ATOM   212 H  "H3'"  . DC A 1 7  ? -1.441  4.033   9.814   1.00 10.00 ? 7  DC A "H3'"  1 
ATOM   213 H  "H2'"  . DC A 1 7  ? -1.443  4.077   7.463   1.00 10.00 ? 7  DC A "H2'"  1 
ATOM   214 H  "H2''" . DC A 1 7  ? 0.267   4.461   7.746   1.00 10.00 ? 7  DC A "H2''" 1 
ATOM   215 H  "H1'"  . DC A 1 7  ? 0.961   2.215   7.471   1.00 10.00 ? 7  DC A "H1'"  1 
ATOM   216 H  H41    . DC A 1 7  ? -0.304  1.815   1.282   1.00 10.00 ? 7  DC A H41    1 
ATOM   217 H  H42    . DC A 1 7  ? -2.012  2.168   1.501   1.00 10.00 ? 7  DC A H42    1 
ATOM   218 H  H5     . DC A 1 7  ? -2.950  2.556   3.673   1.00 10.00 ? 7  DC A H5     1 
ATOM   219 H  H6     . DC A 1 7  ? -2.440  2.703   6.067   1.00 10.00 ? 7  DC A H6     1 
ATOM   220 P  P      . DA A 1 8  ? 1.388   4.535   10.389  1.00 10.00 ? 8  DA A P      1 
ATOM   221 O  OP1    . DA A 1 8  ? 1.966   4.443   11.744  1.00 10.00 ? 8  DA A OP1    1 
ATOM   222 O  OP2    . DA A 1 8  ? 0.696   5.781   9.989   1.00 10.00 ? 8  DA A OP2    1 
ATOM   223 O  "O5'"  . DA A 1 8  ? 2.579   4.332   9.352   1.00 10.00 ? 8  DA A "O5'"  1 
ATOM   224 C  "C5'"  . DA A 1 8  ? 3.578   3.348   9.573   1.00 10.00 ? 8  DA A "C5'"  1 
ATOM   225 C  "C4'"  . DA A 1 8  ? 4.838   3.620   8.748   1.00 10.00 ? 8  DA A "C4'"  1 
ATOM   226 O  "O4'"  . DA A 1 8  ? 4.540   3.486   7.367   1.00 10.00 ? 8  DA A "O4'"  1 
ATOM   227 C  "C3'"  . DA A 1 8  ? 5.413   5.025   8.958   1.00 10.00 ? 8  DA A "C3'"  1 
ATOM   228 O  "O3'"  . DA A 1 8  ? 6.830   4.939   8.885   1.00 10.00 ? 8  DA A "O3'"  1 
ATOM   229 C  "C2'"  . DA A 1 8  ? 4.814   5.802   7.789   1.00 10.00 ? 8  DA A "C2'"  1 
ATOM   230 C  "C1'"  . DA A 1 8  ? 4.790   4.718   6.713   1.00 10.00 ? 8  DA A "C1'"  1 
ATOM   231 N  N9     . DA A 1 8  ? 3.743   4.887   5.686   1.00 10.00 ? 8  DA A N9     1 
ATOM   232 C  C8     . DA A 1 8  ? 2.420   5.215   5.844   1.00 10.00 ? 8  DA A C8     1 
ATOM   233 N  N7     . DA A 1 8  ? 1.729   5.235   4.733   1.00 10.00 ? 8  DA A N7     1 
ATOM   234 C  C5     . DA A 1 8  ? 2.683   4.879   3.760   1.00 10.00 ? 8  DA A C5     1 
ATOM   235 C  C6     . DA A 1 8  ? 2.680   4.694   2.356   1.00 10.00 ? 8  DA A C6     1 
ATOM   236 N  N6     . DA A 1 8  ? 1.655   4.873   1.549   1.00 10.00 ? 8  DA A N6     1 
ATOM   237 N  N1     . DA A 1 8  ? 3.794   4.377   1.702   1.00 10.00 ? 8  DA A N1     1 
ATOM   238 C  C2     . DA A 1 8  ? 4.905   4.221   2.403   1.00 10.00 ? 8  DA A C2     1 
ATOM   239 N  N3     . DA A 1 8  ? 5.069   4.313   3.716   1.00 10.00 ? 8  DA A N3     1 
ATOM   240 C  C4     . DA A 1 8  ? 3.906   4.663   4.342   1.00 10.00 ? 8  DA A C4     1 
ATOM   241 H  "H5'"  . DA A 1 8  ? 3.181   2.363   9.324   1.00 10.00 ? 8  DA A "H5'"  1 
ATOM   242 H  "H5''" . DA A 1 8  ? 3.871   3.353   10.625  1.00 10.00 ? 8  DA A "H5''" 1 
ATOM   243 H  "H4'"  . DA A 1 8  ? 5.588   2.883   9.034   1.00 10.00 ? 8  DA A "H4'"  1 
ATOM   244 H  "H3'"  . DA A 1 8  ? 5.097   5.442   9.918   1.00 10.00 ? 8  DA A "H3'"  1 
ATOM   245 H  "H2'"  . DA A 1 8  ? 3.810   6.136   8.050   1.00 10.00 ? 8  DA A "H2'"  1 
ATOM   246 H  "H2''" . DA A 1 8  ? 5.429   6.651   7.495   1.00 10.00 ? 8  DA A "H2''" 1 
ATOM   247 H  "H1'"  . DA A 1 8  ? 5.778   4.694   6.239   1.00 10.00 ? 8  DA A "H1'"  1 
ATOM   248 H  H8     . DA A 1 8  ? 2.001   5.429   6.819   1.00 10.00 ? 8  DA A H8     1 
ATOM   249 H  H61    . DA A 1 8  ? 1.875   4.825   0.563   1.00 10.00 ? 8  DA A H61    1 
ATOM   250 H  H62    . DA A 1 8  ? 0.860   5.382   1.900   1.00 10.00 ? 8  DA A H62    1 
ATOM   251 H  H2     . DA A 1 8  ? 5.792   4.008   1.831   1.00 10.00 ? 8  DA A H2     1 
ATOM   252 P  P      . DA A 1 9  ? 7.777   6.191   9.198   1.00 10.00 ? 9  DA A P      1 
ATOM   253 O  OP1    . DA A 1 9  ? 9.016   5.654   9.802   1.00 10.00 ? 9  DA A OP1    1 
ATOM   254 O  OP2    . DA A 1 9  ? 7.019   7.236   9.916   1.00 10.00 ? 9  DA A OP2    1 
ATOM   255 O  "O5'"  . DA A 1 9  ? 8.104   6.779   7.756   1.00 10.00 ? 9  DA A "O5'"  1 
ATOM   256 C  "C5'"  . DA A 1 9  ? 9.056   6.194   6.883   1.00 10.00 ? 9  DA A "C5'"  1 
ATOM   257 C  "C4'"  . DA A 1 9  ? 9.023   6.876   5.509   1.00 10.00 ? 9  DA A "C4'"  1 
ATOM   258 O  "O4'"  . DA A 1 9  ? 7.760   6.628   4.894   1.00 10.00 ? 9  DA A "O4'"  1 
ATOM   259 C  "C3'"  . DA A 1 9  ? 9.213   8.406   5.558   1.00 10.00 ? 9  DA A "C3'"  1 
ATOM   260 O  "O3'"  . DA A 1 9  ? 10.046  8.879   4.505   1.00 10.00 ? 9  DA A "O3'"  1 
ATOM   261 C  "C2'"  . DA A 1 9  ? 7.799   8.892   5.272   1.00 10.00 ? 9  DA A "C2'"  1 
ATOM   262 C  "C1'"  . DA A 1 9  ? 7.360   7.832   4.270   1.00 10.00 ? 9  DA A "C1'"  1 
ATOM   263 N  N9     . DA A 1 9  ? 5.915   7.847   3.949   1.00 10.00 ? 9  DA A N9     1 
ATOM   264 C  C8     . DA A 1 9  ? 4.840   8.123   4.757   1.00 10.00 ? 9  DA A C8     1 
ATOM   265 N  N7     . DA A 1 9  ? 3.689   8.162   4.134   1.00 10.00 ? 9  DA A N7     1 
ATOM   266 C  C5     . DA A 1 9  ? 4.044   7.924   2.790   1.00 10.00 ? 9  DA A C5     1 
ATOM   267 C  C6     . DA A 1 9  ? 3.368   7.866   1.543   1.00 10.00 ? 9  DA A C6     1 
ATOM   268 N  N6     . DA A 1 9  ? 2.076   8.020   1.350   1.00 10.00 ? 9  DA A N6     1 
ATOM   269 N  N1     . DA A 1 9  ? 4.018   7.594   0.415   1.00 10.00 ? 9  DA A N1     1 
ATOM   270 C  C2     . DA A 1 9  ? 5.319   7.376   0.481   1.00 10.00 ? 9  DA A C2     1 
ATOM   271 N  N3     . DA A 1 9  ? 6.089   7.407   1.559   1.00 10.00 ? 9  DA A N3     1 
ATOM   272 C  C4     . DA A 1 9  ? 5.390   7.700   2.689   1.00 10.00 ? 9  DA A C4     1 
ATOM   273 H  "H5'"  . DA A 1 9  ? 8.839   5.133   6.755   1.00 10.00 ? 9  DA A "H5'"  1 
ATOM   274 H  "H5''" . DA A 1 9  ? 10.055  6.312   7.306   1.00 10.00 ? 9  DA A "H5''" 1 
ATOM   275 H  "H4'"  . DA A 1 9  ? 9.812   6.449   4.893   1.00 10.00 ? 9  DA A "H4'"  1 
ATOM   276 H  "H3'"  . DA A 1 9  ? 9.560   8.752   6.534   1.00 10.00 ? 9  DA A "H3'"  1 
ATOM   277 H  "H2'"  . DA A 1 9  ? 7.202   8.826   6.182   1.00 10.00 ? 9  DA A "H2'"  1 
ATOM   278 H  "H2''" . DA A 1 9  ? 7.781   9.900   4.854   1.00 10.00 ? 9  DA A "H2''" 1 
ATOM   279 H  "H1'"  . DA A 1 9  ? 7.923   7.975   3.340   1.00 10.00 ? 9  DA A "H1'"  1 
ATOM   280 H  H8     . DA A 1 9  ? 4.947   8.294   5.820   1.00 10.00 ? 9  DA A H8     1 
ATOM   281 H  H61    . DA A 1 9  ? 1.749   7.896   0.399   1.00 10.00 ? 9  DA A H61    1 
ATOM   282 H  H62    . DA A 1 9  ? 1.447   8.034   2.141   1.00 10.00 ? 9  DA A H62    1 
ATOM   283 H  H2     . DA A 1 9  ? 5.815   7.163   -0.454  1.00 10.00 ? 9  DA A H2     1 
ATOM   284 P  P      . DA A 1 10 ? 11.637  8.879   4.601   1.00 10.00 ? 10 DA A P      1 
ATOM   285 O  OP1    . DA A 1 10 ? 12.124  7.597   5.164   1.00 10.00 ? 10 DA A OP1    1 
ATOM   286 O  OP2    . DA A 1 10 ? 12.065  10.147  5.220   1.00 10.00 ? 10 DA A OP2    1 
ATOM   287 O  "O5'"  . DA A 1 10 ? 12.099  8.967   3.085   1.00 10.00 ? 10 DA A "O5'"  1 
ATOM   288 C  "C5'"  . DA A 1 10 ? 12.024  7.860   2.195   1.00 10.00 ? 10 DA A "C5'"  1 
ATOM   289 C  "C4'"  . DA A 1 10 ? 11.358  8.248   0.875   1.00 10.00 ? 10 DA A "C4'"  1 
ATOM   290 O  "O4'"  . DA A 1 10 ? 9.986   8.466   1.124   1.00 10.00 ? 10 DA A "O4'"  1 
ATOM   291 C  "C3'"  . DA A 1 10 ? 11.916  9.522   0.218   1.00 10.00 ? 10 DA A "C3'"  1 
ATOM   292 O  "O3'"  . DA A 1 10 ? 12.771  9.185   -0.876  1.00 10.00 ? 10 DA A "O3'"  1 
ATOM   293 C  "C2'"  . DA A 1 10 ? 10.632  10.271  -0.166  1.00 10.00 ? 10 DA A "C2'"  1 
ATOM   294 C  "C1'"  . DA A 1 10 ? 9.500   9.282   0.089   1.00 10.00 ? 10 DA A "C1'"  1 
ATOM   295 N  N9     . DA A 1 10 ? 8.252   9.925   0.552   1.00 10.00 ? 10 DA A N9     1 
ATOM   296 C  C8     . DA A 1 10 ? 7.937   10.375  1.811   1.00 10.00 ? 10 DA A C8     1 
ATOM   297 N  N7     . DA A 1 10 ? 6.712   10.819  1.938   1.00 10.00 ? 10 DA A N7     1 
ATOM   298 C  C5     . DA A 1 10 ? 6.180   10.652  0.646   1.00 10.00 ? 10 DA A C5     1 
ATOM   299 C  C6     . DA A 1 10 ? 4.924   10.869  0.030   1.00 10.00 ? 10 DA A C6     1 
ATOM   300 N  N6     . DA A 1 10 ? 3.836   11.324  0.615   1.00 10.00 ? 10 DA A N6     1 
ATOM   301 N  N1     . DA A 1 10 ? 4.727   10.598  -1.256  1.00 10.00 ? 10 DA A N1     1 
ATOM   302 C  C2     . DA A 1 10 ? 5.738   10.095  -1.947  1.00 10.00 ? 10 DA A C2     1 
ATOM   303 N  N3     . DA A 1 10 ? 6.957   9.804   -1.512  1.00 10.00 ? 10 DA A N3     1 
ATOM   304 C  C4     . DA A 1 10 ? 7.118   10.116  -0.198  1.00 10.00 ? 10 DA A C4     1 
ATOM   305 H  "H5'"  . DA A 1 10 ? 11.447  7.046   2.634   1.00 10.00 ? 10 DA A "H5'"  1 
ATOM   306 H  "H5''" . DA A 1 10 ? 13.028  7.504   1.981   1.00 10.00 ? 10 DA A "H5''" 1 
ATOM   307 H  "H4'"  . DA A 1 10 ? 11.455  7.424   0.169   1.00 10.00 ? 10 DA A "H4'"  1 
ATOM   308 H  "H3'"  . DA A 1 10 ? 12.465  10.110  0.954   1.00 10.00 ? 10 DA A "H3'"  1 
ATOM   309 H  "H2'"  . DA A 1 10 ? 10.524  11.140  0.479   1.00 10.00 ? 10 DA A "H2'"  1 
ATOM   310 H  "H2''" . DA A 1 10 ? 10.615  10.581  -1.203  1.00 10.00 ? 10 DA A "H2''" 1 
ATOM   311 H  "H1'"  . DA A 1 10 ? 9.305   8.695   -0.817  1.00 10.00 ? 10 DA A "H1'"  1 
ATOM   312 H  H8     . DA A 1 10 ? 8.659   10.353  2.618   1.00 10.00 ? 10 DA A H8     1 
ATOM   313 H  H61    . DA A 1 10 ? 3.009   11.358  0.036   1.00 10.00 ? 10 DA A H61    1 
ATOM   314 H  H62    . DA A 1 10 ? 3.814   11.558  1.598   1.00 10.00 ? 10 DA A H62    1 
ATOM   315 H  H2     . DA A 1 10 ? 5.537   9.903   -2.989  1.00 10.00 ? 10 DA A H2     1 
ATOM   316 P  P      . DA A 1 11 ? 13.553  10.278  -1.746  1.00 10.00 ? 11 DA A P      1 
ATOM   317 O  OP1    . DA A 1 11 ? 14.593  9.602   -2.547  1.00 10.00 ? 11 DA A OP1    1 
ATOM   318 O  OP2    . DA A 1 11 ? 13.978  11.381  -0.860  1.00 10.00 ? 11 DA A OP2    1 
ATOM   319 O  "O5'"  . DA A 1 11 ? 12.498  10.891  -2.762  1.00 10.00 ? 11 DA A "O5'"  1 
ATOM   320 C  "C5'"  . DA A 1 11 ? 11.904  10.079  -3.765  1.00 10.00 ? 11 DA A "C5'"  1 
ATOM   321 C  "C4'"  . DA A 1 11 ? 10.739  10.789  -4.459  1.00 10.00 ? 11 DA A "C4'"  1 
ATOM   322 O  "O4'"  . DA A 1 11 ? 9.709   11.040  -3.522  1.00 10.00 ? 11 DA A "O4'"  1 
ATOM   323 C  "C3'"  . DA A 1 11 ? 11.108  12.129  -5.116  1.00 10.00 ? 11 DA A "C3'"  1 
ATOM   324 O  "O3'"  . DA A 1 11 ? 11.274  11.894  -6.513  1.00 10.00 ? 11 DA A "O3'"  1 
ATOM   325 C  "C2'"  . DA A 1 11 ? 9.911   13.011  -4.718  1.00 10.00 ? 11 DA A "C2'"  1 
ATOM   326 C  "C1'"  . DA A 1 11 ? 8.900   12.068  -4.050  1.00 10.00 ? 11 DA A "C1'"  1 
ATOM   327 N  N9     . DA A 1 11 ? 8.148   12.699  -2.937  1.00 10.00 ? 11 DA A N9     1 
ATOM   328 C  C8     . DA A 1 11 ? 8.596   12.980  -1.671  1.00 10.00 ? 11 DA A C8     1 
ATOM   329 N  N7     . DA A 1 11 ? 7.712   13.545  -0.887  1.00 10.00 ? 11 DA A N7     1 
ATOM   330 C  C5     . DA A 1 11 ? 6.559   13.584  -1.697  1.00 10.00 ? 11 DA A C5     1 
ATOM   331 C  C6     . DA A 1 11 ? 5.215   13.994  -1.525  1.00 10.00 ? 11 DA A C6     1 
ATOM   332 N  N6     . DA A 1 11 ? 4.703   14.518  -0.426  1.00 10.00 ? 11 DA A N6     1 
ATOM   333 N  N1     . DA A 1 11 ? 4.328   13.877  -2.511  1.00 10.00 ? 11 DA A N1     1 
ATOM   334 C  C2     . DA A 1 11 ? 4.736   13.359  -3.664  1.00 10.00 ? 11 DA A C2     1 
ATOM   335 N  N3     . DA A 1 11 ? 5.950   12.929  -3.975  1.00 10.00 ? 11 DA A N3     1 
ATOM   336 C  C4     . DA A 1 11 ? 6.823   13.064  -2.941  1.00 10.00 ? 11 DA A C4     1 
ATOM   337 H  "H5'"  . DA A 1 11 ? 11.522  9.163   -3.311  1.00 10.00 ? 11 DA A "H5'"  1 
ATOM   338 H  "H5''" . DA A 1 11 ? 12.655  9.810   -4.505  1.00 10.00 ? 11 DA A "H5''" 1 
ATOM   339 H  "H4'"  . DA A 1 11 ? 10.342  10.128  -5.229  1.00 10.00 ? 11 DA A "H4'"  1 
ATOM   340 H  "H3'"  . DA A 1 11 ? 12.023  12.526  -4.671  1.00 10.00 ? 11 DA A "H3'"  1 
ATOM   341 H  "H2'"  . DA A 1 11 ? 10.250  13.766  -4.007  1.00 10.00 ? 11 DA A "H2'"  1 
ATOM   342 H  "H2''" . DA A 1 11 ? 9.462   13.499  -5.574  1.00 10.00 ? 11 DA A "H2''" 1 
ATOM   343 H  "H1'"  . DA A 1 11 ? 8.207   11.669  -4.799  1.00 10.00 ? 11 DA A "H1'"  1 
ATOM   344 H  H8     . DA A 1 11 ? 9.605   12.752  -1.359  1.00 10.00 ? 11 DA A H8     1 
ATOM   345 H  H61    . DA A 1 11 ? 3.703   14.647  -0.406  1.00 10.00 ? 11 DA A H61    1 
ATOM   346 H  H62    . DA A 1 11 ? 5.289   14.688  0.382   1.00 10.00 ? 11 DA A H62    1 
ATOM   347 H  H2     . DA A 1 11 ? 3.988   13.286  -4.440  1.00 10.00 ? 11 DA A H2     1 
ATOM   348 P  P      . DG A 1 12 ? 11.681  13.012  -7.584  1.00 10.00 ? 12 DG A P      1 
ATOM   349 O  OP1    . DG A 1 12 ? 12.041  12.289  -8.827  1.00 10.00 ? 12 DG A OP1    1 
ATOM   350 O  OP2    . DG A 1 12 ? 12.691  13.928  -6.997  1.00 10.00 ? 12 DG A OP2    1 
ATOM   351 O  "O5'"  . DG A 1 12 ? 10.360  13.833  -7.876  1.00 10.00 ? 12 DG A "O5'"  1 
ATOM   352 C  "C5'"  . DG A 1 12 ? 9.230   13.191  -8.452  1.00 10.00 ? 12 DG A "C5'"  1 
ATOM   353 C  "C4'"  . DG A 1 12 ? 7.951   14.022  -8.337  1.00 10.00 ? 12 DG A "C4'"  1 
ATOM   354 O  "O4'"  . DG A 1 12 ? 7.591   14.220  -6.978  1.00 10.00 ? 12 DG A "O4'"  1 
ATOM   355 C  "C3'"  . DG A 1 12 ? 8.007   15.403  -9.002  1.00 10.00 ? 12 DG A "C3'"  1 
ATOM   356 O  "O3'"  . DG A 1 12 ? 7.131   15.471  -10.119 1.00 10.00 ? 12 DG A "O3'"  1 
ATOM   357 C  "C2'"  . DG A 1 12 ? 7.515   16.333  -7.895  1.00 10.00 ? 12 DG A "C2'"  1 
ATOM   358 C  "C1'"  . DG A 1 12 ? 6.804   15.389  -6.928  1.00 10.00 ? 12 DG A "C1'"  1 
ATOM   359 N  N9     . DG A 1 12 ? 6.743   15.932  -5.551  1.00 10.00 ? 12 DG A N9     1 
ATOM   360 C  C8     . DG A 1 12 ? 7.770   16.133  -4.662  1.00 10.00 ? 12 DG A C8     1 
ATOM   361 N  N7     . DG A 1 12 ? 7.401   16.649  -3.515  1.00 10.00 ? 12 DG A N7     1 
ATOM   362 C  C5     . DG A 1 12 ? 6.004   16.788  -3.650  1.00 10.00 ? 12 DG A C5     1 
ATOM   363 C  C6     . DG A 1 12 ? 4.980   17.266  -2.751  1.00 10.00 ? 12 DG A C6     1 
ATOM   364 O  O6     . DG A 1 12 ? 5.077   17.696  -1.598  1.00 10.00 ? 12 DG A O6     1 
ATOM   365 N  N1     . DG A 1 12 ? 3.710   17.220  -3.287  1.00 10.00 ? 12 DG A N1     1 
ATOM   366 C  C2     . DG A 1 12 ? 3.440   16.799  -4.543  1.00 10.00 ? 12 DG A C2     1 
ATOM   367 N  N2     . DG A 1 12 ? 2.205   16.889  -4.941  1.00 10.00 ? 12 DG A N2     1 
ATOM   368 N  N3     . DG A 1 12 ? 4.344   16.388  -5.424  1.00 10.00 ? 12 DG A N3     1 
ATOM   369 C  C4     . DG A 1 12 ? 5.612   16.373  -4.908  1.00 10.00 ? 12 DG A C4     1 
ATOM   370 H  "H5'"  . DG A 1 12 ? 9.050   12.244  -7.942  1.00 10.00 ? 12 DG A "H5'"  1 
ATOM   371 H  "H5''" . DG A 1 12 ? 9.424   12.984  -9.506  1.00 10.00 ? 12 DG A "H5''" 1 
ATOM   372 H  "H4'"  . DG A 1 12 ? 7.154   13.468  -8.820  1.00 10.00 ? 12 DG A "H4'"  1 
ATOM   373 H  "H3'"  . DG A 1 12 ? 9.029   15.661  -9.286  1.00 10.00 ? 12 DG A "H3'"  1 
ATOM   374 H  "HO3'" . DG A 1 12 ? 7.060   16.421  -10.372 1.00 10.00 ? 12 DG A "HO3'" 1 
ATOM   375 H  "H2'"  . DG A 1 12 ? 8.379   16.788  -7.408  1.00 10.00 ? 12 DG A "H2'"  1 
ATOM   376 H  "H2''" . DG A 1 12 ? 6.836   17.100  -8.265  1.00 10.00 ? 12 DG A "H2''" 1 
ATOM   377 H  "H1'"  . DG A 1 12 ? 5.793   15.171  -7.290  1.00 10.00 ? 12 DG A "H1'"  1 
ATOM   378 H  H8     . DG A 1 12 ? 8.791   15.881  -4.924  1.00 10.00 ? 12 DG A H8     1 
ATOM   379 H  H1     . DG A 1 12 ? 2.939   17.463  -2.688  1.00 10.00 ? 12 DG A H1     1 
ATOM   380 H  H21    . DG A 1 12 ? 1.483   17.231  -4.319  1.00 10.00 ? 12 DG A H21    1 
ATOM   381 H  H22    . DG A 1 12 ? 2.010   16.559  -5.870  1.00 10.00 ? 12 DG A H22    1 
ATOM   382 O  "O5'"  . DC B 1 1  ? -4.530  20.925  1.096   1.00 10.00 ? 13 DC B "O5'"  1 
ATOM   383 C  "C5'"  . DC B 1 1  ? -4.492  19.580  0.659   1.00 10.00 ? 13 DC B "C5'"  1 
ATOM   384 C  "C4'"  . DC B 1 1  ? -3.935  19.494  -0.763  1.00 10.00 ? 13 DC B "C4'"  1 
ATOM   385 O  "O4'"  . DC B 1 1  ? -2.569  19.898  -0.790  1.00 10.00 ? 13 DC B "O4'"  1 
ATOM   386 C  "C3'"  . DC B 1 1  ? -3.967  18.058  -1.283  1.00 10.00 ? 13 DC B "C3'"  1 
ATOM   387 O  "O3'"  . DC B 1 1  ? -5.228  17.724  -1.857  1.00 10.00 ? 13 DC B "O3'"  1 
ATOM   388 C  "C2'"  . DC B 1 1  ? -2.849  18.127  -2.314  1.00 10.00 ? 13 DC B "C2'"  1 
ATOM   389 C  "C1'"  . DC B 1 1  ? -1.834  19.088  -1.695  1.00 10.00 ? 13 DC B "C1'"  1 
ATOM   390 N  N1     . DC B 1 1  ? -0.677  18.422  -1.019  1.00 10.00 ? 13 DC B N1     1 
ATOM   391 C  C2     . DC B 1 1  ? 0.387   17.983  -1.819  1.00 10.00 ? 13 DC B C2     1 
ATOM   392 O  O2     . DC B 1 1  ? 0.286   17.890  -3.043  1.00 10.00 ? 13 DC B O2     1 
ATOM   393 N  N3     . DC B 1 1  ? 1.587   17.665  -1.277  1.00 10.00 ? 13 DC B N3     1 
ATOM   394 C  C4     . DC B 1 1  ? 1.704   17.658  0.034   1.00 10.00 ? 13 DC B C4     1 
ATOM   395 N  N4     . DC B 1 1  ? 2.901   17.412  0.482   1.00 10.00 ? 13 DC B N4     1 
ATOM   396 C  C5     . DC B 1 1  ? 0.647   18.021  0.908   1.00 10.00 ? 13 DC B C5     1 
ATOM   397 C  C6     . DC B 1 1  ? -0.532  18.411  0.352   1.00 10.00 ? 13 DC B C6     1 
ATOM   398 H  "H5'"  . DC B 1 1  ? -5.501  19.168  0.668   1.00 10.00 ? 13 DC B "H5'"  1 
ATOM   399 H  "H5''" . DC B 1 1  ? -3.869  18.991  1.334   1.00 10.00 ? 13 DC B "H5''" 1 
ATOM   400 H  "H4'"  . DC B 1 1  ? -4.519  20.132  -1.430  1.00 10.00 ? 13 DC B "H4'"  1 
ATOM   401 H  "H3'"  . DC B 1 1  ? -3.687  17.374  -0.482  1.00 10.00 ? 13 DC B "H3'"  1 
ATOM   402 H  "H2'"  . DC B 1 1  ? -2.422  17.149  -2.519  1.00 10.00 ? 13 DC B "H2'"  1 
ATOM   403 H  "H2''" . DC B 1 1  ? -3.233  18.570  -3.233  1.00 10.00 ? 13 DC B "H2''" 1 
ATOM   404 H  "H1'"  . DC B 1 1  ? -1.436  19.715  -2.497  1.00 10.00 ? 13 DC B "H1'"  1 
ATOM   405 H  H41    . DC B 1 1  ? 3.629   17.248  -0.203  1.00 10.00 ? 13 DC B H41    1 
ATOM   406 H  H42    . DC B 1 1  ? 3.074   17.419  1.472   1.00 10.00 ? 13 DC B H42    1 
ATOM   407 H  H5     . DC B 1 1  ? 0.762   18.035  1.981   1.00 10.00 ? 13 DC B H5     1 
ATOM   408 H  H6     . DC B 1 1  ? -1.349  18.743  0.987   1.00 10.00 ? 13 DC B H6     1 
ATOM   409 H  "HO5'" . DC B 1 1  ? -3.614  21.283  1.100   1.00 10.00 ? 13 DC B "HO5'" 1 
ATOM   410 P  P      . DT B 1 2  ? -5.659  16.216  -2.141  1.00 10.00 ? 14 DT B P      1 
ATOM   411 O  OP1    . DT B 1 2  ? -6.983  16.251  -2.805  1.00 10.00 ? 14 DT B OP1    1 
ATOM   412 O  OP2    . DT B 1 2  ? -5.518  15.443  -0.895  1.00 10.00 ? 14 DT B OP2    1 
ATOM   413 O  "O5'"  . DT B 1 2  ? -4.597  15.646  -3.171  1.00 10.00 ? 14 DT B "O5'"  1 
ATOM   414 C  "C5'"  . DT B 1 2  ? -4.542  16.084  -4.520  1.00 10.00 ? 14 DT B "C5'"  1 
ATOM   415 C  "C4'"  . DT B 1 2  ? -3.468  15.311  -5.284  1.00 10.00 ? 14 DT B "C4'"  1 
ATOM   416 O  "O4'"  . DT B 1 2  ? -2.175  15.581  -4.755  1.00 10.00 ? 14 DT B "O4'"  1 
ATOM   417 C  "C3'"  . DT B 1 2  ? -3.746  13.804  -5.208  1.00 10.00 ? 14 DT B "C3'"  1 
ATOM   418 O  "O3'"  . DT B 1 2  ? -4.000  13.291  -6.504  1.00 10.00 ? 14 DT B "O3'"  1 
ATOM   419 C  "C2'"  . DT B 1 2  ? -2.491  13.246  -4.543  1.00 10.00 ? 14 DT B "C2'"  1 
ATOM   420 C  "C1'"  . DT B 1 2  ? -1.453  14.364  -4.621  1.00 10.00 ? 14 DT B "C1'"  1 
ATOM   421 N  N1     . DT B 1 2  ? -0.630  14.407  -3.380  1.00 10.00 ? 14 DT B N1     1 
ATOM   422 C  C2     . DT B 1 2  ? 0.727   14.083  -3.458  1.00 10.00 ? 14 DT B C2     1 
ATOM   423 O  O2     . DT B 1 2  ? 1.278   13.727  -4.490  1.00 10.00 ? 14 DT B O2     1 
ATOM   424 N  N3     . DT B 1 2  ? 1.450   14.142  -2.292  1.00 10.00 ? 14 DT B N3     1 
ATOM   425 C  C4     . DT B 1 2  ? 0.945   14.417  -1.045  1.00 10.00 ? 14 DT B C4     1 
ATOM   426 O  O4     . DT B 1 2  ? 1.709   14.401  -0.083  1.00 10.00 ? 14 DT B O4     1 
ATOM   427 C  C5     . DT B 1 2  ? -0.489  14.704  -1.021  1.00 10.00 ? 14 DT B C5     1 
ATOM   428 C  C7     . DT B 1 2  ? -1.202  15.004  0.279   1.00 10.00 ? 14 DT B C7     1 
ATOM   429 C  C6     . DT B 1 2  ? -1.218  14.694  -2.165  1.00 10.00 ? 14 DT B C6     1 
ATOM   430 H  "H5'"  . DT B 1 2  ? -4.329  17.152  -4.572  1.00 10.00 ? 14 DT B "H5'"  1 
ATOM   431 H  "H5''" . DT B 1 2  ? -5.499  15.893  -5.005  1.00 10.00 ? 14 DT B "H5''" 1 
ATOM   432 H  "H4'"  . DT B 1 2  ? -3.491  15.629  -6.326  1.00 10.00 ? 14 DT B "H4'"  1 
ATOM   433 H  "H3'"  . DT B 1 2  ? -4.609  13.612  -4.567  1.00 10.00 ? 14 DT B "H3'"  1 
ATOM   434 H  "H2'"  . DT B 1 2  ? -2.723  13.011  -3.507  1.00 10.00 ? 14 DT B "H2'"  1 
ATOM   435 H  "H2''" . DT B 1 2  ? -2.123  12.352  -5.032  1.00 10.00 ? 14 DT B "H2''" 1 
ATOM   436 H  "H1'"  . DT B 1 2  ? -0.820  14.200  -5.499  1.00 10.00 ? 14 DT B "H1'"  1 
ATOM   437 H  H3     . DT B 1 2  ? 2.445   13.973  -2.363  1.00 10.00 ? 14 DT B H3     1 
ATOM   438 H  H71    . DT B 1 2  ? -2.041  15.680  0.112   1.00 10.00 ? 14 DT B H71    1 
ATOM   439 H  H72    . DT B 1 2  ? -1.577  14.077  0.711   1.00 10.00 ? 14 DT B H72    1 
ATOM   440 H  H73    . DT B 1 2  ? -0.513  15.474  0.977   1.00 10.00 ? 14 DT B H73    1 
ATOM   441 H  H6     . DT B 1 2  ? -2.282  14.895  -2.123  1.00 10.00 ? 14 DT B H6     1 
ATOM   442 P  P      . DT B 1 3  ? -4.413  11.769  -6.768  1.00 10.00 ? 15 DT B P      1 
ATOM   443 O  OP1    . DT B 1 3  ? -5.173  11.741  -8.034  1.00 10.00 ? 15 DT B OP1    1 
ATOM   444 O  OP2    . DT B 1 3  ? -5.053  11.209  -5.555  1.00 10.00 ? 15 DT B OP2    1 
ATOM   445 O  "O5'"  . DT B 1 3  ? -3.009  11.050  -7.014  1.00 10.00 ? 15 DT B "O5'"  1 
ATOM   446 C  "C5'"  . DT B 1 3  ? -2.095  11.576  -7.983  1.00 10.00 ? 15 DT B "C5'"  1 
ATOM   447 C  "C4'"  . DT B 1 3  ? -0.650  11.121  -7.784  1.00 10.00 ? 15 DT B "C4'"  1 
ATOM   448 O  "O4'"  . DT B 1 3  ? -0.221  11.482  -6.489  1.00 10.00 ? 15 DT B "O4'"  1 
ATOM   449 C  "C3'"  . DT B 1 3  ? -0.465  9.611   -7.939  1.00 10.00 ? 15 DT B "C3'"  1 
ATOM   450 O  "O3'"  . DT B 1 3  ? 0.229   9.283   -9.138  1.00 10.00 ? 15 DT B "O3'"  1 
ATOM   451 C  "C2'"  . DT B 1 3  ? 0.304   9.236   -6.675  1.00 10.00 ? 15 DT B "C2'"  1 
ATOM   452 C  "C1'"  . DT B 1 3  ? 0.782   10.566  -6.104  1.00 10.00 ? 15 DT B "C1'"  1 
ATOM   453 N  N1     . DT B 1 3  ? 0.896   10.547  -4.621  1.00 10.00 ? 15 DT B N1     1 
ATOM   454 C  C2     . DT B 1 3  ? 2.168   10.627  -4.043  1.00 10.00 ? 15 DT B C2     1 
ATOM   455 O  O2     . DT B 1 3  ? 3.212   10.537  -4.684  1.00 10.00 ? 15 DT B O2     1 
ATOM   456 N  N3     . DT B 1 3  ? 2.212   10.768  -2.676  1.00 10.00 ? 15 DT B N3     1 
ATOM   457 C  C4     . DT B 1 3  ? 1.124   10.786  -1.831  1.00 10.00 ? 15 DT B C4     1 
ATOM   458 O  O4     . DT B 1 3  ? 1.303   10.938  -0.628  1.00 10.00 ? 15 DT B O4     1 
ATOM   459 C  C5     . DT B 1 3  ? -0.168  10.616  -2.490  1.00 10.00 ? 15 DT B C5     1 
ATOM   460 C  C7     . DT B 1 3  ? -1.448  10.587  -1.672  1.00 10.00 ? 15 DT B C7     1 
ATOM   461 C  C6     . DT B 1 3  ? -0.241  10.503  -3.840  1.00 10.00 ? 15 DT B C6     1 
ATOM   462 H  "H5'"  . DT B 1 3  ? -2.065  12.659  -7.906  1.00 10.00 ? 15 DT B "H5'"  1 
ATOM   463 H  "H5''" . DT B 1 3  ? -2.419  11.312  -8.989  1.00 10.00 ? 15 DT B "H5''" 1 
ATOM   464 H  "H4'"  . DT B 1 3  ? -0.020  11.632  -8.508  1.00 10.00 ? 15 DT B "H4'"  1 
ATOM   465 H  "H3'"  . DT B 1 3  ? -1.445  9.139   -7.931  1.00 10.00 ? 15 DT B "H3'"  1 
ATOM   466 H  "H2'"  . DT B 1 3  ? -0.378  8.748   -5.983  1.00 10.00 ? 15 DT B "H2'"  1 
ATOM   467 H  "H2''" . DT B 1 3  ? 1.153   8.598   -6.892  1.00 10.00 ? 15 DT B "H2''" 1 
ATOM   468 H  "H1'"  . DT B 1 3  ? 1.735   10.836  -6.568  1.00 10.00 ? 15 DT B "H1'"  1 
ATOM   469 H  H3     . DT B 1 3  ? 3.129   10.850  -2.252  1.00 10.00 ? 15 DT B H3     1 
ATOM   470 H  H71    . DT B 1 3  ? -1.731  11.606  -1.410  1.00 10.00 ? 15 DT B H71    1 
ATOM   471 H  H72    . DT B 1 3  ? -2.255  10.116  -2.233  1.00 10.00 ? 15 DT B H72    1 
ATOM   472 H  H73    . DT B 1 3  ? -1.282  10.022  -0.753  1.00 10.00 ? 15 DT B H73    1 
ATOM   473 H  H6     . DT B 1 3  ? -1.202  10.395  -4.324  1.00 10.00 ? 15 DT B H6     1 
ATOM   474 P  P      . DT B 1 4  ? 0.371   7.775   -9.646  1.00 10.00 ? 16 DT B P      1 
ATOM   475 O  OP1    . DT B 1 4  ? 0.598   7.805   -11.105 1.00 10.00 ? 16 DT B OP1    1 
ATOM   476 O  OP2    . DT B 1 4  ? -0.779  6.995   -9.151  1.00 10.00 ? 16 DT B OP2    1 
ATOM   477 O  "O5'"  . DT B 1 4  ? 1.670   7.189   -8.942  1.00 10.00 ? 16 DT B "O5'"  1 
ATOM   478 C  "C5'"  . DT B 1 4  ? 2.978   7.695   -9.224  1.00 10.00 ? 16 DT B "C5'"  1 
ATOM   479 C  "C4'"  . DT B 1 4  ? 3.984   7.309   -8.131  1.00 10.00 ? 16 DT B "C4'"  1 
ATOM   480 O  "O4'"  . DT B 1 4  ? 3.532   7.847   -6.903  1.00 10.00 ? 16 DT B "O4'"  1 
ATOM   481 C  "C3'"  . DT B 1 4  ? 4.117   5.797   -7.906  1.00 10.00 ? 16 DT B "C3'"  1 
ATOM   482 O  "O3'"  . DT B 1 4  ? 5.181   5.225   -8.657  1.00 10.00 ? 16 DT B "O3'"  1 
ATOM   483 C  "C2'"  . DT B 1 4  ? 4.294   5.701   -6.391  1.00 10.00 ? 16 DT B "C2'"  1 
ATOM   484 C  "C1'"  . DT B 1 4  ? 4.129   7.117   -5.854  1.00 10.00 ? 16 DT B "C1'"  1 
ATOM   485 N  N1     . DT B 1 4  ? 3.274   7.154   -4.639  1.00 10.00 ? 16 DT B N1     1 
ATOM   486 C  C2     . DT B 1 4  ? 3.885   7.350   -3.396  1.00 10.00 ? 16 DT B C2     1 
ATOM   487 O  O2     . DT B 1 4  ? 5.103   7.381   -3.241  1.00 10.00 ? 16 DT B O2     1 
ATOM   488 N  N3     . DT B 1 4  ? 3.045   7.455   -2.310  1.00 10.00 ? 16 DT B N3     1 
ATOM   489 C  C4     . DT B 1 4  ? 1.678   7.293   -2.329  1.00 10.00 ? 16 DT B C4     1 
ATOM   490 O  O4     . DT B 1 4  ? 1.043   7.361   -1.280  1.00 10.00 ? 16 DT B O4     1 
ATOM   491 C  C5     . DT B 1 4  ? 1.112   7.020   -3.647  1.00 10.00 ? 16 DT B C5     1 
ATOM   492 C  C7     . DT B 1 4  ? -0.380  6.788   -3.803  1.00 10.00 ? 16 DT B C7     1 
ATOM   493 C  C6     . DT B 1 4  ? 1.914   6.955   -4.741  1.00 10.00 ? 16 DT B C6     1 
ATOM   494 H  "H5'"  . DT B 1 4  ? 2.954   8.784   -9.278  1.00 10.00 ? 16 DT B "H5'"  1 
ATOM   495 H  "H5''" . DT B 1 4  ? 3.326   7.312   -10.182 1.00 10.00 ? 16 DT B "H5''" 1 
ATOM   496 H  "H4'"  . DT B 1 4  ? 4.967   7.725   -8.367  1.00 10.00 ? 16 DT B "H4'"  1 
ATOM   497 H  "H3'"  . DT B 1 4  ? 3.182   5.317   -8.175  1.00 10.00 ? 16 DT B "H3'"  1 
ATOM   498 H  "H2'"  . DT B 1 4  ? 3.536   5.032   -5.990  1.00 10.00 ? 16 DT B "H2'"  1 
ATOM   499 H  "H2''" . DT B 1 4  ? 5.284   5.360   -6.117  1.00 10.00 ? 16 DT B "H2''" 1 
ATOM   500 H  "H1'"  . DT B 1 4  ? 5.118   7.529   -5.639  1.00 10.00 ? 16 DT B "H1'"  1 
ATOM   501 H  H3     . DT B 1 4  ? 3.471   7.644   -1.411  1.00 10.00 ? 16 DT B H3     1 
ATOM   502 H  H71    . DT B 1 4  ? -0.661  6.750   -4.852  1.00 10.00 ? 16 DT B H71    1 
ATOM   503 H  H72    . DT B 1 4  ? -0.651  5.846   -3.328  1.00 10.00 ? 16 DT B H72    1 
ATOM   504 H  H73    . DT B 1 4  ? -0.928  7.601   -3.322  1.00 10.00 ? 16 DT B H73    1 
ATOM   505 H  H6     . DT B 1 4  ? 1.500   6.741   -5.715  1.00 10.00 ? 16 DT B H6     1 
ATOM   506 P  P      . DT B 1 5  ? 5.568   3.669   -8.599  1.00 10.00 ? 17 DT B P      1 
ATOM   507 O  OP1    . DT B 1 5  ? 6.499   3.402   -9.715  1.00 10.00 ? 17 DT B OP1    1 
ATOM   508 O  OP2    . DT B 1 5  ? 4.330   2.853   -8.541  1.00 10.00 ? 17 DT B OP2    1 
ATOM   509 O  "O5'"  . DT B 1 5  ? 6.389   3.467   -7.254  1.00 10.00 ? 17 DT B "O5'"  1 
ATOM   510 C  "C5'"  . DT B 1 5  ? 7.587   4.209   -7.003  1.00 10.00 ? 17 DT B "C5'"  1 
ATOM   511 C  "C4'"  . DT B 1 5  ? 8.097   4.027   -5.564  1.00 10.00 ? 17 DT B "C4'"  1 
ATOM   512 O  "O4'"  . DT B 1 5  ? 7.107   4.477   -4.648  1.00 10.00 ? 17 DT B "O4'"  1 
ATOM   513 C  "C3'"  . DT B 1 5  ? 8.392   2.553   -5.242  1.00 10.00 ? 17 DT B "C3'"  1 
ATOM   514 O  "O3'"  . DT B 1 5  ? 9.657   2.417   -4.598  1.00 10.00 ? 17 DT B "O3'"  1 
ATOM   515 C  "C2'"  . DT B 1 5  ? 7.220   2.196   -4.333  1.00 10.00 ? 17 DT B "C2'"  1 
ATOM   516 C  "C1'"  . DT B 1 5  ? 6.970   3.515   -3.621  1.00 10.00 ? 17 DT B "C1'"  1 
ATOM   517 N  N1     . DT B 1 5  ? 5.612   3.583   -3.020  1.00 10.00 ? 17 DT B N1     1 
ATOM   518 C  C2     . DT B 1 5  ? 5.503   3.710   -1.631  1.00 10.00 ? 17 DT B C2     1 
ATOM   519 O  O2     . DT B 1 5  ? 6.438   3.545   -0.852  1.00 10.00 ? 17 DT B O2     1 
ATOM   520 N  N3     . DT B 1 5  ? 4.249   3.969   -1.135  1.00 10.00 ? 17 DT B N3     1 
ATOM   521 C  C4     . DT B 1 5  ? 3.082   3.948   -1.859  1.00 10.00 ? 17 DT B C4     1 
ATOM   522 O  O4     . DT B 1 5  ? 2.023   4.175   -1.279  1.00 10.00 ? 17 DT B O4     1 
ATOM   523 C  C5     . DT B 1 5  ? 3.240   3.617   -3.272  1.00 10.00 ? 17 DT B C5     1 
ATOM   524 C  C7     . DT B 1 5  ? 2.013   3.403   -4.146  1.00 10.00 ? 17 DT B C7     1 
ATOM   525 C  C6     . DT B 1 5  ? 4.482   3.470   -3.806  1.00 10.00 ? 17 DT B C6     1 
ATOM   526 H  "H5'"  . DT B 1 5  ? 7.405   5.276   -7.154  1.00 10.00 ? 17 DT B "H5'"  1 
ATOM   527 H  "H5''" . DT B 1 5  ? 8.371   3.898   -7.696  1.00 10.00 ? 17 DT B "H5''" 1 
ATOM   528 H  "H4'"  . DT B 1 5  ? 9.008   4.610   -5.426  1.00 10.00 ? 17 DT B "H4'"  1 
ATOM   529 H  "H3'"  . DT B 1 5  ? 8.358   1.952   -6.149  1.00 10.00 ? 17 DT B "H3'"  1 
ATOM   530 H  "H2'"  . DT B 1 5  ? 6.372   1.927   -4.956  1.00 10.00 ? 17 DT B "H2'"  1 
ATOM   531 H  "H2''" . DT B 1 5  ? 7.426   1.399   -3.632  1.00 10.00 ? 17 DT B "H2''" 1 
ATOM   532 H  "H1'"  . DT B 1 5  ? 7.746   3.680   -2.864  1.00 10.00 ? 17 DT B "H1'"  1 
ATOM   533 H  H3     . DT B 1 5  ? 4.167   4.158   -0.144  1.00 10.00 ? 17 DT B H3     1 
ATOM   534 H  H71    . DT B 1 5  ? 1.360   4.272   -4.084  1.00 10.00 ? 17 DT B H71    1 
ATOM   535 H  H72    . DT B 1 5  ? 2.291   3.235   -5.186  1.00 10.00 ? 17 DT B H72    1 
ATOM   536 H  H73    . DT B 1 5  ? 1.465   2.534   -3.780  1.00 10.00 ? 17 DT B H73    1 
ATOM   537 H  H6     . DT B 1 5  ? 4.605   3.248   -4.857  1.00 10.00 ? 17 DT B H6     1 
ATOM   538 P  P      . DG B 1 6  ? 10.362  1.000   -4.435  1.00 10.00 ? 18 DG B P      1 
ATOM   539 O  OP1    . DG B 1 6  ? 11.719  1.180   -3.875  1.00 10.00 ? 18 DG B OP1    1 
ATOM   540 O  OP2    . DG B 1 6  ? 10.201  0.274   -5.713  1.00 10.00 ? 18 DG B OP2    1 
ATOM   541 O  "O5'"  . DG B 1 6  ? 9.509   0.219   -3.363  1.00 10.00 ? 18 DG B "O5'"  1 
ATOM   542 C  "C5'"  . DG B 1 6  ? 9.590   0.489   -1.973  1.00 10.00 ? 18 DG B "C5'"  1 
ATOM   543 C  "C4'"  . DG B 1 6  ? 8.527   -0.300  -1.205  1.00 10.00 ? 18 DG B "C4'"  1 
ATOM   544 O  "O4'"  . DG B 1 6  ? 7.306   0.429   -1.175  1.00 10.00 ? 18 DG B "O4'"  1 
ATOM   545 C  "C3'"  . DG B 1 6  ? 8.206   -1.688  -1.818  1.00 10.00 ? 18 DG B "C3'"  1 
ATOM   546 O  "O3'"  . DG B 1 6  ? 8.372   -2.772  -0.918  1.00 10.00 ? 18 DG B "O3'"  1 
ATOM   547 C  "C2'"  . DG B 1 6  ? 6.731   -1.541  -2.171  1.00 10.00 ? 18 DG B "C2'"  1 
ATOM   548 C  "C1'"  . DG B 1 6  ? 6.294   -0.544  -1.104  1.00 10.00 ? 18 DG B "C1'"  1 
ATOM   549 N  N9     . DG B 1 6  ? 4.937   0.020   -1.279  1.00 10.00 ? 18 DG B N9     1 
ATOM   550 C  C8     . DG B 1 6  ? 4.133   0.020   -2.394  1.00 10.00 ? 18 DG B C8     1 
ATOM   551 N  N7     . DG B 1 6  ? 2.910   0.423   -2.171  1.00 10.00 ? 18 DG B N7     1 
ATOM   552 C  C5     . DG B 1 6  ? 2.897   0.718   -0.796  1.00 10.00 ? 18 DG B C5     1 
ATOM   553 C  C6     . DG B 1 6  ? 1.859   1.184   0.082   1.00 10.00 ? 18 DG B C6     1 
ATOM   554 O  O6     . DG B 1 6  ? 0.691   1.463   -0.187  1.00 10.00 ? 18 DG B O6     1 
ATOM   555 N  N1     . DG B 1 6  ? 2.258   1.319   1.397   1.00 10.00 ? 18 DG B N1     1 
ATOM   556 C  C2     . DG B 1 6  ? 3.503   1.038   1.838   1.00 10.00 ? 18 DG B C2     1 
ATOM   557 N  N2     . DG B 1 6  ? 3.710   1.160   3.120   1.00 10.00 ? 18 DG B N2     1 
ATOM   558 N  N3     . DG B 1 6  ? 4.504   0.612   1.064   1.00 10.00 ? 18 DG B N3     1 
ATOM   559 C  C4     . DG B 1 6  ? 4.140   0.474   -0.252  1.00 10.00 ? 18 DG B C4     1 
ATOM   560 H  "H5'"  . DG B 1 6  ? 9.455   1.554   -1.788  1.00 10.00 ? 18 DG B "H5'"  1 
ATOM   561 H  "H5''" . DG B 1 6  ? 10.569  0.193   -1.604  1.00 10.00 ? 18 DG B "H5''" 1 
ATOM   562 H  "H4'"  . DG B 1 6  ? 8.867   -0.429  -0.178  1.00 10.00 ? 18 DG B "H4'"  1 
ATOM   563 H  "H3'"  . DG B 1 6  ? 8.786   -1.885  -2.720  1.00 10.00 ? 18 DG B "H3'"  1 
ATOM   564 H  "H2'"  . DG B 1 6  ? 6.644   -1.096  -3.161  1.00 10.00 ? 18 DG B "H2'"  1 
ATOM   565 H  "H2''" . DG B 1 6  ? 6.191   -2.484  -2.117  1.00 10.00 ? 18 DG B "H2''" 1 
ATOM   566 H  "H1'"  . DG B 1 6  ? 6.341   -1.024  -0.125  1.00 10.00 ? 18 DG B "H1'"  1 
ATOM   567 H  H8     . DG B 1 6  ? 4.480   -0.303  -3.366  1.00 10.00 ? 18 DG B H8     1 
ATOM   568 H  H1     . DG B 1 6  ? 1.598   1.639   2.092   1.00 10.00 ? 18 DG B H1     1 
ATOM   569 H  H21    . DG B 1 6  ? 2.963   1.453   3.749   1.00 10.00 ? 18 DG B H21    1 
ATOM   570 H  H22    . DG B 1 6  ? 4.607   0.903   3.490   1.00 10.00 ? 18 DG B H22    1 
ATOM   571 P  P      . DC B 1 7  ? 9.825   -3.261  -0.464  1.00 10.00 ? 19 DC B P      1 
ATOM   572 O  OP1    . DC B 1 7  ? 10.821  -2.193  -0.674  1.00 10.00 ? 19 DC B OP1    1 
ATOM   573 O  OP2    . DC B 1 7  ? 10.045  -4.568  -1.105  1.00 10.00 ? 19 DC B OP2    1 
ATOM   574 O  "O5'"  . DC B 1 7  ? 9.671   -3.560  1.088   1.00 10.00 ? 19 DC B "O5'"  1 
ATOM   575 C  "C5'"  . DC B 1 7  ? 9.475   -2.522  2.035   1.00 10.00 ? 19 DC B "C5'"  1 
ATOM   576 C  "C4'"  . DC B 1 7  ? 8.103   -2.590  2.712   1.00 10.00 ? 19 DC B "C4'"  1 
ATOM   577 O  "O4'"  . DC B 1 7  ? 7.050   -2.211  1.840   1.00 10.00 ? 19 DC B "O4'"  1 
ATOM   578 C  "C3'"  . DC B 1 7  ? 7.700   -3.980  3.206   1.00 10.00 ? 19 DC B "C3'"  1 
ATOM   579 O  "O3'"  . DC B 1 7  ? 8.201   -4.257  4.505   1.00 10.00 ? 19 DC B "O3'"  1 
ATOM   580 C  "C2'"  . DC B 1 7  ? 6.174   -3.924  3.166   1.00 10.00 ? 19 DC B "C2'"  1 
ATOM   581 C  "C1'"  . DC B 1 7  ? 5.865   -2.581  2.520   1.00 10.00 ? 19 DC B "C1'"  1 
ATOM   582 N  N1     . DC B 1 7  ? 4.674   -2.676  1.642   1.00 10.00 ? 19 DC B N1     1 
ATOM   583 C  C2     . DC B 1 7  ? 3.434   -2.286  2.155   1.00 10.00 ? 19 DC B C2     1 
ATOM   584 O  O2     . DC B 1 7  ? 3.293   -2.005  3.343   1.00 10.00 ? 19 DC B O2     1 
ATOM   585 N  N3     . DC B 1 7  ? 2.355   -2.190  1.347   1.00 10.00 ? 19 DC B N3     1 
ATOM   586 C  C4     . DC B 1 7  ? 2.488   -2.532  0.087   1.00 10.00 ? 19 DC B C4     1 
ATOM   587 N  N4     . DC B 1 7  ? 1.432   -2.368  -0.645  1.00 10.00 ? 19 DC B N4     1 
ATOM   588 C  C5     . DC B 1 7  ? 3.700   -3.015  -0.475  1.00 10.00 ? 19 DC B C5     1 
ATOM   589 C  C6     . DC B 1 7  ? 4.778   -3.097  0.343   1.00 10.00 ? 19 DC B C6     1 
ATOM   590 H  "H5'"  . DC B 1 7  ? 9.586   -1.547  1.561   1.00 10.00 ? 19 DC B "H5'"  1 
ATOM   591 H  "H5''" . DC B 1 7  ? 10.238  -2.605  2.808   1.00 10.00 ? 19 DC B "H5''" 1 
ATOM   592 H  "H4'"  . DC B 1 7  ? 8.118   -1.920  3.571   1.00 10.00 ? 19 DC B "H4'"  1 
ATOM   593 H  "H3'"  . DC B 1 7  ? 8.037   -4.720  2.482   1.00 10.00 ? 19 DC B "H3'"  1 
ATOM   594 H  "H2'"  . DC B 1 7  ? 5.789   -4.757  2.580   1.00 10.00 ? 19 DC B "H2'"  1 
ATOM   595 H  "H2''" . DC B 1 7  ? 5.739   -3.930  4.159   1.00 10.00 ? 19 DC B "H2''" 1 
ATOM   596 H  "H1'"  . DC B 1 7  ? 5.677   -1.851  3.314   1.00 10.00 ? 19 DC B "H1'"  1 
ATOM   597 H  H41    . DC B 1 7  ? 0.612   -2.016  -0.166  1.00 10.00 ? 19 DC B H41    1 
ATOM   598 H  H42    . DC B 1 7  ? 1.423   -2.607  -1.620  1.00 10.00 ? 19 DC B H42    1 
ATOM   599 H  H5     . DC B 1 7  ? 3.776   -3.298  -1.509  1.00 10.00 ? 19 DC B H5     1 
ATOM   600 H  H6     . DC B 1 7  ? 5.739   -3.454  -0.011  1.00 10.00 ? 19 DC B H6     1 
ATOM   601 P  P      . DA B 1 8  ? 8.160   -5.730  5.103   1.00 10.00 ? 20 DA B P      1 
ATOM   602 O  OP1    . DA B 1 8  ? 8.940   -5.738  6.360   1.00 10.00 ? 20 DA B OP1    1 
ATOM   603 O  OP2    . DA B 1 8  ? 8.529   -6.659  4.013   1.00 10.00 ? 20 DA B OP2    1 
ATOM   604 O  "O5'"  . DA B 1 8  ? 6.630   -5.975  5.471   1.00 10.00 ? 20 DA B "O5'"  1 
ATOM   605 C  "C5'"  . DA B 1 8  ? 5.990   -5.222  6.499   1.00 10.00 ? 20 DA B "C5'"  1 
ATOM   606 C  "C4'"  . DA B 1 8  ? 4.484   -5.502  6.585   1.00 10.00 ? 20 DA B "C4'"  1 
ATOM   607 O  "O4'"  . DA B 1 8  ? 3.844   -5.093  5.393   1.00 10.00 ? 20 DA B "O4'"  1 
ATOM   608 C  "C3'"  . DA B 1 8  ? 4.103   -6.970  6.805   1.00 10.00 ? 20 DA B "C3'"  1 
ATOM   609 O  "O3'"  . DA B 1 8  ? 3.893   -7.206  8.193   1.00 10.00 ? 20 DA B "O3'"  1 
ATOM   610 C  "C2'"  . DA B 1 8  ? 2.841   -7.119  5.940   1.00 10.00 ? 20 DA B "C2'"  1 
ATOM   611 C  "C1'"  . DA B 1 8  ? 2.580   -5.718  5.380   1.00 10.00 ? 20 DA B "C1'"  1 
ATOM   612 N  N9     . DA B 1 8  ? 2.063   -5.704  3.994   1.00 10.00 ? 20 DA B N9     1 
ATOM   613 C  C8     . DA B 1 8  ? 2.734   -6.006  2.836   1.00 10.00 ? 20 DA B C8     1 
ATOM   614 N  N7     . DA B 1 8  ? 2.070   -5.745  1.738   1.00 10.00 ? 20 DA B N7     1 
ATOM   615 C  C5     . DA B 1 8  ? 0.842   -5.251  2.224   1.00 10.00 ? 20 DA B C5     1 
ATOM   616 C  C6     . DA B 1 8  ? -0.363  -4.779  1.646   1.00 10.00 ? 20 DA B C6     1 
ATOM   617 N  N6     . DA B 1 8  ? -0.612  -4.680  0.359   1.00 10.00 ? 20 DA B N6     1 
ATOM   618 N  N1     . DA B 1 8  ? -1.390  -4.402  2.400   1.00 10.00 ? 20 DA B N1     1 
ATOM   619 C  C2     . DA B 1 8  ? -1.261  -4.475  3.714   1.00 10.00 ? 20 DA B C2     1 
ATOM   620 N  N3     . DA B 1 8  ? -0.203  -4.883  4.404   1.00 10.00 ? 20 DA B N3     1 
ATOM   621 C  C4     . DA B 1 8  ? 0.827   -5.257  3.595   1.00 10.00 ? 20 DA B C4     1 
ATOM   622 H  "H5'"  . DA B 1 8  ? 6.126   -4.155  6.320   1.00 10.00 ? 20 DA B "H5'"  1 
ATOM   623 H  "H5''" . DA B 1 8  ? 6.450   -5.450  7.455   1.00 10.00 ? 20 DA B "H5''" 1 
ATOM   624 H  "H4'"  . DA B 1 8  ? 4.069   -4.925  7.411   1.00 10.00 ? 20 DA B "H4'"  1 
ATOM   625 H  "H3'"  . DA B 1 8  ? 4.890   -7.621  6.421   1.00 10.00 ? 20 DA B "H3'"  1 
ATOM   626 H  "H2'"  . DA B 1 8  ? 3.041   -7.825  5.136   1.00 10.00 ? 20 DA B "H2'"  1 
ATOM   627 H  "H2''" . DA B 1 8  ? 1.982   -7.445  6.519   1.00 10.00 ? 20 DA B "H2''" 1 
ATOM   628 H  "H1'"  . DA B 1 8  ? 1.885   -5.184  6.035   1.00 10.00 ? 20 DA B "H1'"  1 
ATOM   629 H  H8     . DA B 1 8  ? 3.743   -6.399  2.856   1.00 10.00 ? 20 DA B H8     1 
ATOM   630 H  H61    . DA B 1 8  ? -1.553  -4.412  0.100   1.00 10.00 ? 20 DA B H61    1 
ATOM   631 H  H62    . DA B 1 8  ? 0.089   -4.930  -0.325  1.00 10.00 ? 20 DA B H62    1 
ATOM   632 H  H2     . DA B 1 8  ? -2.115  -4.147  4.290   1.00 10.00 ? 20 DA B H2     1 
ATOM   633 P  P      . DA B 1 9  ? 3.640   -8.668  8.786   1.00 10.00 ? 21 DA B P      1 
ATOM   634 O  OP1    . DA B 1 9  ? 3.841   -8.587  10.249  1.00 10.00 ? 21 DA B OP1    1 
ATOM   635 O  OP2    . DA B 1 9  ? 4.463   -9.629  8.022   1.00 10.00 ? 21 DA B OP2    1 
ATOM   636 O  "O5'"  . DA B 1 9  ? 2.118   -9.017  8.505   1.00 10.00 ? 21 DA B "O5'"  1 
ATOM   637 C  "C5'"  . DA B 1 9  ? 1.062   -8.361  9.194   1.00 10.00 ? 21 DA B "C5'"  1 
ATOM   638 C  "C4'"  . DA B 1 9  ? -0.318  -8.662  8.588   1.00 10.00 ? 21 DA B "C4'"  1 
ATOM   639 O  "O4'"  . DA B 1 9  ? -0.404  -8.060  7.298   1.00 10.00 ? 21 DA B "O4'"  1 
ATOM   640 C  "C3'"  . DA B 1 9  ? -0.595  -10.166 8.426   1.00 10.00 ? 21 DA B "C3'"  1 
ATOM   641 O  "O3'"  . DA B 1 9  ? -1.954  -10.504 8.654   1.00 10.00 ? 21 DA B "O3'"  1 
ATOM   642 C  "C2'"  . DA B 1 9  ? -0.352  -10.339 6.935   1.00 10.00 ? 21 DA B "C2'"  1 
ATOM   643 C  "C1'"  . DA B 1 9  ? -0.944  -9.028  6.418   1.00 10.00 ? 21 DA B "C1'"  1 
ATOM   644 N  N9     . DA B 1 9  ? -0.645  -8.749  4.994   1.00 10.00 ? 21 DA B N9     1 
ATOM   645 C  C8     . DA B 1 9  ? 0.438   -9.138  4.242   1.00 10.00 ? 21 DA B C8     1 
ATOM   646 N  N7     . DA B 1 9  ? 0.322   -8.900  2.963   1.00 10.00 ? 21 DA B N7     1 
ATOM   647 C  C5     . DA B 1 9  ? -0.953  -8.312  2.859   1.00 10.00 ? 21 DA B C5     1 
ATOM   648 C  C6     . DA B 1 9  ? -1.769  -7.848  1.800   1.00 10.00 ? 21 DA B C6     1 
ATOM   649 N  N6     . DA B 1 9  ? -1.431  -7.865  0.527   1.00 10.00 ? 21 DA B N6     1 
ATOM   650 N  N1     . DA B 1 9  ? -2.983  -7.348  2.028   1.00 10.00 ? 21 DA B N1     1 
ATOM   651 C  C2     . DA B 1 9  ? -3.411  -7.299  3.283   1.00 10.00 ? 21 DA B C2     1 
ATOM   652 N  N3     . DA B 1 9  ? -2.766  -7.699  4.375   1.00 10.00 ? 21 DA B N3     1 
ATOM   653 C  C4     . DA B 1 9  ? -1.532  -8.202  4.095   1.00 10.00 ? 21 DA B C4     1 
ATOM   654 H  "H5'"  . DA B 1 9  ? 1.225   -7.282  9.169   1.00 10.00 ? 21 DA B "H5'"  1 
ATOM   655 H  "H5''" . DA B 1 9  ? 1.066   -8.688  10.230  1.00 10.00 ? 21 DA B "H5''" 1 
ATOM   656 H  "H4'"  . DA B 1 9  ? -1.085  -8.236  9.230   1.00 10.00 ? 21 DA B "H4'"  1 
ATOM   657 H  "H3'"  . DA B 1 9  ? 0.083   -10.784 9.019   1.00 10.00 ? 21 DA B "H3'"  1 
ATOM   658 H  "H2'"  . DA B 1 9  ? 0.716   -10.385 6.737   1.00 10.00 ? 21 DA B "H2'"  1 
ATOM   659 H  "H2''" . DA B 1 9  ? -0.859  -11.216 6.537   1.00 10.00 ? 21 DA B "H2''" 1 
ATOM   660 H  "H1'"  . DA B 1 9  ? -2.033  -9.052  6.544   1.00 10.00 ? 21 DA B "H1'"  1 
ATOM   661 H  H8     . DA B 1 9  ? 1.311   -9.612  4.674   1.00 10.00 ? 21 DA B H8     1 
ATOM   662 H  H61    . DA B 1 9  ? -2.126  -7.547  -0.137  1.00 10.00 ? 21 DA B H61    1 
ATOM   663 H  H62    . DA B 1 9  ? -0.526  -8.209  0.233   1.00 10.00 ? 21 DA B H62    1 
ATOM   664 H  H2     . DA B 1 9  ? -4.406  -6.898  3.429   1.00 10.00 ? 21 DA B H2     1 
ATOM   665 P  P      . DA B 1 10 ? -2.591  -10.691 10.099  1.00 10.00 ? 22 DA B P      1 
ATOM   666 O  OP1    . DA B 1 10 ? -2.016  -9.733  11.066  1.00 10.00 ? 22 DA B OP1    1 
ATOM   667 O  OP2    . DA B 1 10 ? -2.561  -12.128 10.441  1.00 10.00 ? 22 DA B OP2    1 
ATOM   668 O  "O5'"  . DA B 1 10 ? -4.124  -10.350 9.923   1.00 10.00 ? 22 DA B "O5'"  1 
ATOM   669 C  "C5'"  . DA B 1 10 ? -4.602  -9.013  9.787   1.00 10.00 ? 22 DA B "C5'"  1 
ATOM   670 C  "C4'"  . DA B 1 10 ? -5.631  -8.912  8.657   1.00 10.00 ? 22 DA B "C4'"  1 
ATOM   671 O  "O4'"  . DA B 1 10 ? -4.925  -9.026  7.437   1.00 10.00 ? 22 DA B "O4'"  1 
ATOM   672 C  "C3'"  . DA B 1 10 ? -6.681  -10.035 8.697   1.00 10.00 ? 22 DA B "C3'"  1 
ATOM   673 O  "O3'"  . DA B 1 10 ? -7.982  -9.487  8.789   1.00 10.00 ? 22 DA B "O3'"  1 
ATOM   674 C  "C2'"  . DA B 1 10 ? -6.432  -10.786 7.389   1.00 10.00 ? 22 DA B "C2'"  1 
ATOM   675 C  "C1'"  . DA B 1 10 ? -5.725  -9.752  6.528   1.00 10.00 ? 22 DA B "C1'"  1 
ATOM   676 N  N9     . DA B 1 10 ? -4.812  -10.356 5.541   1.00 10.00 ? 22 DA B N9     1 
ATOM   677 C  C8     . DA B 1 10 ? -3.634  -11.007 5.786   1.00 10.00 ? 22 DA B C8     1 
ATOM   678 N  N7     . DA B 1 10 ? -2.932  -11.288 4.722   1.00 10.00 ? 22 DA B N7     1 
ATOM   679 C  C5     . DA B 1 10 ? -3.750  -10.811 3.677   1.00 10.00 ? 22 DA B C5     1 
ATOM   680 C  C6     . DA B 1 10 ? -3.662  -10.749 2.266   1.00 10.00 ? 22 DA B C6     1 
ATOM   681 N  N6     . DA B 1 10 ? -2.643  -11.134 1.525   1.00 10.00 ? 22 DA B N6     1 
ATOM   682 N  N1     . DA B 1 10 ? -4.664  -10.265 1.543   1.00 10.00 ? 22 DA B N1     1 
ATOM   683 C  C2     . DA B 1 10 ? -5.725  -9.780  2.165   1.00 10.00 ? 22 DA B C2     1 
ATOM   684 N  N3     . DA B 1 10 ? -5.939  -9.722  3.476   1.00 10.00 ? 22 DA B N3     1 
ATOM   685 C  C4     . DA B 1 10 ? -4.906  -10.264 4.177   1.00 10.00 ? 22 DA B C4     1 
ATOM   686 H  "H5'"  . DA B 1 10 ? -3.787  -8.323  9.560   1.00 10.00 ? 22 DA B "H5'"  1 
ATOM   687 H  "H5''" . DA B 1 10 ? -5.074  -8.708  10.719  1.00 10.00 ? 22 DA B "H5''" 1 
ATOM   688 H  "H4'"  . DA B 1 10 ? -6.134  -7.942  8.691   1.00 10.00 ? 22 DA B "H4'"  1 
ATOM   689 H  "H3'"  . DA B 1 10 ? -6.503  -10.693 9.549   1.00 10.00 ? 22 DA B "H3'"  1 
ATOM   690 H  "H2'"  . DA B 1 10 ? -5.765  -11.621 7.577   1.00 10.00 ? 22 DA B "H2'"  1 
ATOM   691 H  "H2''" . DA B 1 10 ? -7.347  -11.130 6.913   1.00 10.00 ? 22 DA B "H2''" 1 
ATOM   692 H  "H1'"  . DA B 1 10 ? -6.463  -9.106  6.045   1.00 10.00 ? 22 DA B "H1'"  1 
ATOM   693 H  H8     . DA B 1 10 ? -3.319  -11.223 6.798   1.00 10.00 ? 22 DA B H8     1 
ATOM   694 H  H61    . DA B 1 10 ? -2.750  -10.935 0.536   1.00 10.00 ? 22 DA B H61    1 
ATOM   695 H  H62    . DA B 1 10 ? -1.755  -11.423 1.903   1.00 10.00 ? 22 DA B H62    1 
ATOM   696 H  H2     . DA B 1 10 ? -6.509  -9.413  1.517   1.00 10.00 ? 22 DA B H2     1 
ATOM   697 P  P      . DA B 1 11 ? -9.267  -10.382 9.050   1.00 10.00 ? 23 DA B P      1 
ATOM   698 O  OP1    . DA B 1 11 ? -10.314 -9.509  9.611   1.00 10.00 ? 23 DA B OP1    1 
ATOM   699 O  OP2    . DA B 1 11 ? -8.879  -11.581 9.829   1.00 10.00 ? 23 DA B OP2    1 
ATOM   700 O  "O5'"  . DA B 1 11 ? -9.746  -10.901 7.631   1.00 10.00 ? 23 DA B "O5'"  1 
ATOM   701 C  "C5'"  . DA B 1 11 ? -10.270 -10.006 6.660   1.00 10.00 ? 23 DA B "C5'"  1 
ATOM   702 C  "C4'"  . DA B 1 11 ? -10.319 -10.646 5.273   1.00 10.00 ? 23 DA B "C4'"  1 
ATOM   703 O  "O4'"  . DA B 1 11 ? -9.002  -10.967 4.850   1.00 10.00 ? 23 DA B "O4'"  1 
ATOM   704 C  "C3'"  . DA B 1 11 ? -11.167 -11.927 5.183   1.00 10.00 ? 23 DA B "C3'"  1 
ATOM   705 O  "O3'"  . DA B 1 11 ? -12.315 -11.658 4.385   1.00 10.00 ? 23 DA B "O3'"  1 
ATOM   706 C  "C2'"  . DA B 1 11 ? -10.183 -12.922 4.556   1.00 10.00 ? 23 DA B "C2'"  1 
ATOM   707 C  "C1'"  . DA B 1 11 ? -9.117  -12.028 3.930   1.00 10.00 ? 23 DA B "C1'"  1 
ATOM   708 N  N9     . DA B 1 11 ? -7.804  -12.693 3.783   1.00 10.00 ? 23 DA B N9     1 
ATOM   709 C  C8     . DA B 1 11 ? -6.995  -13.226 4.758   1.00 10.00 ? 23 DA B C8     1 
ATOM   710 N  N7     . DA B 1 11 ? -5.867  -13.735 4.323   1.00 10.00 ? 23 DA B N7     1 
ATOM   711 C  C5     . DA B 1 11 ? -5.950  -13.505 2.935   1.00 10.00 ? 23 DA B C5     1 
ATOM   712 C  C6     . DA B 1 11 ? -5.118  -13.765 1.822   1.00 10.00 ? 23 DA B C6     1 
ATOM   713 N  N6     . DA B 1 11 ? -3.921  -14.307 1.875   1.00 10.00 ? 23 DA B N6     1 
ATOM   714 N  N1     . DA B 1 11 ? -5.501  -13.473 0.586   1.00 10.00 ? 23 DA B N1     1 
ATOM   715 C  C2     . DA B 1 11 ? -6.666  -12.866 0.421   1.00 10.00 ? 23 DA B C2     1 
ATOM   716 N  N3     . DA B 1 11 ? -7.544  -12.527 1.358   1.00 10.00 ? 23 DA B N3     1 
ATOM   717 C  C4     . DA B 1 11 ? -7.126  -12.881 2.605   1.00 10.00 ? 23 DA B C4     1 
ATOM   718 H  "H5'"  . DA B 1 11 ? -9.639  -9.116  6.601   1.00 10.00 ? 23 DA B "H5'"  1 
ATOM   719 H  "H5''" . DA B 1 11 ? -11.280 -9.706  6.942   1.00 10.00 ? 23 DA B "H5''" 1 
ATOM   720 H  "H4'"  . DA B 1 11 ? -10.736 -9.921  4.574   1.00 10.00 ? 23 DA B "H4'"  1 
ATOM   721 H  "H3'"  . DA B 1 11 ? -11.459 -12.266 6.180   1.00 10.00 ? 23 DA B "H3'"  1 
ATOM   722 H  "H2'"  . DA B 1 11 ? -9.745  -13.524 5.351   1.00 10.00 ? 23 DA B "H2'"  1 
ATOM   723 H  "H2''" . DA B 1 11 ? -10.641 -13.569 3.812   1.00 10.00 ? 23 DA B "H2''" 1 
ATOM   724 H  "H1'"  . DA B 1 11 ? -9.467  -11.656 2.959   1.00 10.00 ? 23 DA B "H1'"  1 
ATOM   725 H  H8     . DA B 1 11 ? -7.290  -13.214 5.800   1.00 10.00 ? 23 DA B H8     1 
ATOM   726 H  H61    . DA B 1 11 ? -3.402  -14.246 1.004   1.00 10.00 ? 23 DA B H61    1 
ATOM   727 H  H62    . DA B 1 11 ? -3.466  -14.439 2.769   1.00 10.00 ? 23 DA B H62    1 
ATOM   728 H  H2     . DA B 1 11 ? -6.924  -12.642 -0.604  1.00 10.00 ? 23 DA B H2     1 
ATOM   729 P  P      . DG B 1 12 ? -13.425 -12.756 4.028   1.00 10.00 ? 24 DG B P      1 
ATOM   730 O  OP1    . DG B 1 12 ? -14.674 -12.042 3.689   1.00 10.00 ? 24 DG B OP1    1 
ATOM   731 O  OP2    . DG B 1 12 ? -13.481 -13.785 5.092   1.00 10.00 ? 24 DG B OP2    1 
ATOM   732 O  "O5'"  . DG B 1 12 ? -12.905 -13.471 2.708   1.00 10.00 ? 24 DG B "O5'"  1 
ATOM   733 C  "C5'"  . DG B 1 12 ? -12.820 -12.774 1.473   1.00 10.00 ? 24 DG B "C5'"  1 
ATOM   734 C  "C4'"  . DG B 1 12 ? -12.197 -13.642 0.374   1.00 10.00 ? 24 DG B "C4'"  1 
ATOM   735 O  "O4'"  . DG B 1 12 ? -10.819 -13.842 0.633   1.00 10.00 ? 24 DG B "O4'"  1 
ATOM   736 C  "C3'"  . DG B 1 12 ? -12.828 -15.041 0.257   1.00 10.00 ? 24 DG B "C3'"  1 
ATOM   737 O  "O3'"  . DG B 1 12 ? -13.517 -15.218 -0.970  1.00 10.00 ? 24 DG B "O3'"  1 
ATOM   738 C  "C2'"  . DG B 1 12 ? -11.623 -15.977 0.301   1.00 10.00 ? 24 DG B "C2'"  1 
ATOM   739 C  "C1'"  . DG B 1 12 ? -10.440 -15.052 0.010   1.00 10.00 ? 24 DG B "C1'"  1 
ATOM   740 N  N9     . DG B 1 12 ? -9.195  -15.558 0.623   1.00 10.00 ? 24 DG B N9     1 
ATOM   741 C  C8     . DG B 1 12 ? -8.922  -15.640 1.961   1.00 10.00 ? 24 DG B C8     1 
ATOM   742 N  N7     . DG B 1 12 ? -7.756  -16.150 2.245   1.00 10.00 ? 24 DG B N7     1 
ATOM   743 C  C5     . DG B 1 12 ? -7.190  -16.394 0.987   1.00 10.00 ? 24 DG B C5     1 
ATOM   744 C  C6     . DG B 1 12 ? -5.899  -16.902 0.619   1.00 10.00 ? 24 DG B C6     1 
ATOM   745 O  O6     . DG B 1 12 ? -4.979  -17.280 1.345   1.00 10.00 ? 24 DG B O6     1 
ATOM   746 N  N1     . DG B 1 12 ? -5.698  -16.951 -0.739  1.00 10.00 ? 24 DG B N1     1 
ATOM   747 C  C2     . DG B 1 12 ? -6.639  -16.627 -1.649  1.00 10.00 ? 24 DG B C2     1 
ATOM   748 N  N2     . DG B 1 12 ? -6.300  -16.849 -2.883  1.00 10.00 ? 24 DG B N2     1 
ATOM   749 N  N3     . DG B 1 12 ? -7.870  -16.190 -1.366  1.00 10.00 ? 24 DG B N3     1 
ATOM   750 C  C4     . DG B 1 12 ? -8.077  -16.056 -0.015  1.00 10.00 ? 24 DG B C4     1 
ATOM   751 H  "H5'"  . DG B 1 12 ? -12.212 -11.877 1.600   1.00 10.00 ? 24 DG B "H5'"  1 
ATOM   752 H  "H5''" . DG B 1 12 ? -13.821 -12.482 1.156   1.00 10.00 ? 24 DG B "H5''" 1 
ATOM   753 H  "H4'"  . DG B 1 12 ? -12.297 -13.129 -0.583  1.00 10.00 ? 24 DG B "H4'"  1 
ATOM   754 H  "H3'"  . DG B 1 12 ? -13.484 -15.247 1.108   1.00 10.00 ? 24 DG B "H3'"  1 
ATOM   755 H  "HO3'" . DG B 1 12 ? -14.281 -14.581 -0.991  1.00 10.00 ? 24 DG B "HO3'" 1 
ATOM   756 H  "H2'"  . DG B 1 12 ? -11.541 -16.387 1.308   1.00 10.00 ? 24 DG B "H2'"  1 
ATOM   757 H  "H2''" . DG B 1 12 ? -11.688 -16.787 -0.425  1.00 10.00 ? 24 DG B "H2''" 1 
ATOM   758 H  "H1'"  . DG B 1 12 ? -10.311 -14.907 -1.066  1.00 10.00 ? 24 DG B "H1'"  1 
ATOM   759 H  H8     . DG B 1 12 ? -9.636  -15.299 2.698   1.00 10.00 ? 24 DG B H8     1 
ATOM   760 H  H1     . DG B 1 12 ? -4.793  -17.211 -1.105  1.00 10.00 ? 24 DG B H1     1 
ATOM   761 H  H21    . DG B 1 12 ? -5.340  -17.074 -3.134  1.00 10.00 ? 24 DG B H21    1 
ATOM   762 H  H22    . DG B 1 12 ? -6.985  -16.713 -3.610  1.00 10.00 ? 24 DG B H22    1 
HETATM 763 NA NA     . NA C 2 .  ? -13.908 5.925   -0.198  1.00 10.00 ? 28 NA A NA     1 
HETATM 764 NA NA     . NA D 2 .  ? -15.463 -7.162  -2.569  1.00 10.00 ? 29 NA A NA     1 
HETATM 765 NA NA     . NA E 2 .  ? 3.606   10.538  9.790   1.00 10.00 ? 33 NA A NA     1 
HETATM 766 NA NA     . NA F 2 .  ? 18.839  11.855  -13.201 1.00 10.00 ? 34 NA A NA     1 
HETATM 767 NA NA     . NA G 2 .  ? -16.675 -1.271  2.443   1.00 10.00 ? 36 NA A NA     1 
HETATM 768 NA NA     . NA H 2 .  ? -12.355 -3.772  -16.014 1.00 10.00 ? 38 NA A NA     1 
HETATM 769 NA NA     . NA I 2 .  ? -3.629  -19.805 -13.772 1.00 10.00 ? 45 NA A NA     1 
HETATM 770 O  O1     . HT J 3 .  ? -10.303 -13.445 -5.173  1.00 10.00 ? 25 HT B O1     1 
HETATM 771 C  C1     . HT J 3 .  ? -10.450 -12.730 -4.026  1.00 10.00 ? 25 HT B C1     1 
HETATM 772 C  C4     . HT J 3 .  ? -10.733 -11.226 -1.650  1.00 10.00 ? 25 HT B C4     1 
HETATM 773 C  C2     . HT J 3 .  ? -9.498  -12.852 -2.996  1.00 10.00 ? 25 HT B C2     1 
HETATM 774 C  C3     . HT J 3 .  ? -9.643  -12.100 -1.824  1.00 10.00 ? 25 HT B C3     1 
HETATM 775 C  C6     . HT J 3 .  ? -11.566 -11.887 -3.850  1.00 10.00 ? 25 HT B C6     1 
HETATM 776 C  C5     . HT J 3 .  ? -11.710 -11.141 -2.666  1.00 10.00 ? 25 HT B C5     1 
HETATM 777 C  C7     . HT J 3 .  ? -10.835 -10.425 -0.396  1.00 10.00 ? 25 HT B C7     1 
HETATM 778 N  N1     . HT J 3 .  ? -9.815  -10.270 0.426   1.00 10.00 ? 25 HT B N1     1 
HETATM 779 C  C8     . HT J 3 .  ? -10.208 -9.368  1.289   1.00 10.00 ? 25 HT B C8     1 
HETATM 780 C  C9     . HT J 3 .  ? -11.468 -8.954  1.004   1.00 10.00 ? 25 HT B C9     1 
HETATM 781 N  N2     . HT J 3 .  ? -11.852 -9.651  -0.135  1.00 10.00 ? 25 HT B N2     1 
HETATM 782 C  C10    . HT J 3 .  ? -12.022 -7.955  1.825   1.00 10.00 ? 25 HT B C10    1 
HETATM 783 C  C11    . HT J 3 .  ? -11.260 -7.435  2.892   1.00 10.00 ? 25 HT B C11    1 
HETATM 784 C  C12    . HT J 3 .  ? -9.939  -7.880  3.150   1.00 10.00 ? 25 HT B C12    1 
HETATM 785 C  C13    . HT J 3 .  ? -9.400  -8.887  2.322   1.00 10.00 ? 25 HT B C13    1 
HETATM 786 C  C14    . HT J 3 .  ? -9.149  -7.279  4.269   1.00 10.00 ? 25 HT B C14    1 
HETATM 787 N  N3     . HT J 3 .  ? -7.861  -7.501  4.456   1.00 10.00 ? 25 HT B N3     1 
HETATM 788 C  C15    . HT J 3 .  ? -7.513  -6.645  5.398   1.00 10.00 ? 25 HT B C15    1 
HETATM 789 C  C16    . HT J 3 .  ? -8.581  -5.904  5.784   1.00 10.00 ? 25 HT B C16    1 
HETATM 790 N  N4     . HT J 3 .  ? -9.662  -6.372  5.054   1.00 10.00 ? 25 HT B N4     1 
HETATM 791 C  C17    . HT J 3 .  ? -8.363  -4.874  6.712   1.00 10.00 ? 25 HT B C17    1 
HETATM 792 C  C18    . HT J 3 .  ? -7.061  -4.663  7.216   1.00 10.00 ? 25 HT B C18    1 
HETATM 793 C  C19    . HT J 3 .  ? -5.975  -5.502  6.853   1.00 10.00 ? 25 HT B C19    1 
HETATM 794 C  C20    . HT J 3 .  ? -6.204  -6.490  5.874   1.00 10.00 ? 25 HT B C20    1 
HETATM 795 N  N5     . HT J 3 .  ? -4.672  -5.275  7.344   1.00 10.00 ? 25 HT B N5     1 
HETATM 796 C  C21    . HT J 3 .  ? -3.516  -5.008  6.458   1.00 10.00 ? 25 HT B C21    1 
HETATM 797 C  C22    . HT J 3 .  ? -2.200  -5.480  7.097   1.00 10.00 ? 25 HT B C22    1 
HETATM 798 N  N6     . HT J 3 .  ? -1.976  -4.778  8.382   1.00 10.00 ? 25 HT B N6     1 
HETATM 799 C  C23    . HT J 3 .  ? -3.108  -5.050  9.288   1.00 10.00 ? 25 HT B C23    1 
HETATM 800 C  C24    . HT J 3 .  ? -4.437  -4.633  8.658   1.00 10.00 ? 25 HT B C24    1 
HETATM 801 C  C25    . HT J 3 .  ? -0.726  -5.240  9.023   1.00 10.00 ? 25 HT B C25    1 
HETATM 802 H  HO1    . HT J 3 .  ? -9.364  -13.722 -5.236  1.00 10.00 ? 25 HT B HO1    1 
HETATM 803 H  H2     . HT J 3 .  ? -8.648  -13.509 -3.084  1.00 10.00 ? 25 HT B H2     1 
HETATM 804 H  H3     . HT J 3 .  ? -8.912  -12.212 -1.041  1.00 10.00 ? 25 HT B H3     1 
HETATM 805 H  H5     . HT J 3 .  ? -12.556 -10.475 -2.559  1.00 10.00 ? 25 HT B H5     1 
HETATM 806 H  H6     . HT J 3 .  ? -12.286 -11.796 -4.646  1.00 10.00 ? 25 HT B H6     1 
HETATM 807 H  HN1    . HT J 3 .  ? -8.882  -10.647 0.314   1.00 10.00 ? 25 HT B HN1    1 
HETATM 808 H  H10    . HT J 3 .  ? -13.011 -7.572  1.630   1.00 10.00 ? 25 HT B H10    1 
HETATM 809 H  H11    . HT J 3 .  ? -11.682 -6.651  3.500   1.00 10.00 ? 25 HT B H11    1 
HETATM 810 H  H13    . HT J 3 .  ? -8.409  -9.279  2.475   1.00 10.00 ? 25 HT B H13    1 
HETATM 811 H  HN3    . HT J 3 .  ? -7.258  -8.109  3.912   1.00 10.00 ? 25 HT B HN3    1 
HETATM 812 H  H17    . HT J 3 .  ? -9.176  -4.235  7.018   1.00 10.00 ? 25 HT B H17    1 
HETATM 813 H  H18    . HT J 3 .  ? -6.902  -3.850  7.909   1.00 10.00 ? 25 HT B H18    1 
HETATM 814 H  H20    . HT J 3 .  ? -5.391  -7.100  5.515   1.00 10.00 ? 25 HT B H20    1 
HETATM 815 H  H211   . HT J 3 .  ? -3.658  -5.535  5.516   1.00 10.00 ? 25 HT B H211   1 
HETATM 816 H  H212   . HT J 3 .  ? -3.467  -3.943  6.235   1.00 10.00 ? 25 HT B H212   1 
HETATM 817 H  H221   . HT J 3 .  ? -2.254  -6.559  7.253   1.00 10.00 ? 25 HT B H221   1 
HETATM 818 H  H222   . HT J 3 .  ? -1.369  -5.283  6.414   1.00 10.00 ? 25 HT B H222   1 
HETATM 819 H  H231   . HT J 3 .  ? -3.148  -6.116  9.517   1.00 10.00 ? 25 HT B H231   1 
HETATM 820 H  H232   . HT J 3 .  ? -2.971  -4.509  10.229  1.00 10.00 ? 25 HT B H232   1 
HETATM 821 H  H241   . HT J 3 .  ? -5.240  -4.922  9.332   1.00 10.00 ? 25 HT B H241   1 
HETATM 822 H  H242   . HT J 3 .  ? -4.465  -3.547  8.541   1.00 10.00 ? 25 HT B H242   1 
HETATM 823 H  H253   . HT J 3 .  ? 0.103   -5.225  8.311   1.00 10.00 ? 25 HT B H253   1 
HETATM 824 H  H252   . HT J 3 .  ? -0.840  -6.249  9.414   1.00 10.00 ? 25 HT B H252   1 
HETATM 825 H  H251   . HT J 3 .  ? -0.464  -4.581  9.857   1.00 10.00 ? 25 HT B H251   1 
HETATM 826 H  HN6    . HT J 3 .  ? -1.918  -3.767  8.192   1.00 10.00 ? 25 HT B HN6    1 
HETATM 827 O  O1     . HT K 3 .  ? 1.945   16.041  -8.818  1.00 10.00 ? 26 HT B O1     1 
HETATM 828 C  C1     . HT K 3 .  ? 2.715   14.945  -8.595  1.00 10.00 ? 26 HT B C1     1 
HETATM 829 C  C4     . HT K 3 .  ? 4.328   12.667  -8.126  1.00 10.00 ? 26 HT B C4     1 
HETATM 830 C  C2     . HT K 3 .  ? 2.474   14.130  -7.477  1.00 10.00 ? 26 HT B C2     1 
HETATM 831 C  C3     . HT K 3 .  ? 3.295   13.016  -7.229  1.00 10.00 ? 26 HT B C3     1 
HETATM 832 C  C6     . HT K 3 .  ? 3.752   14.620  -9.489  1.00 10.00 ? 26 HT B C6     1 
HETATM 833 C  C5     . HT K 3 .  ? 4.525   13.468  -9.273  1.00 10.00 ? 26 HT B C5     1 
HETATM 834 C  C7     . HT K 3 .  ? 5.229   11.500  -7.868  1.00 10.00 ? 26 HT B C7     1 
HETATM 835 N  N1     . HT K 3 .  ? 5.265   10.835  -6.727  1.00 10.00 ? 26 HT B N1     1 
HETATM 836 C  C8     . HT K 3 .  ? 6.343   10.089  -6.804  1.00 10.00 ? 26 HT B C8     1 
HETATM 837 C  C9     . HT K 3 .  ? 6.961   10.267  -7.997  1.00 10.00 ? 26 HT B C9     1 
HETATM 838 N  N2     . HT K 3 .  ? 6.188   11.181  -8.695  1.00 10.00 ? 26 HT B N2     1 
HETATM 839 C  C10    . HT K 3 .  ? 8.177   9.597   -8.216  1.00 10.00 ? 26 HT B C10    1 
HETATM 840 C  C11    . HT K 3 .  ? 8.732   8.815   -7.181  1.00 10.00 ? 26 HT B C11    1 
HETATM 841 C  C12    . HT K 3 .  ? 8.067   8.659   -5.939  1.00 10.00 ? 26 HT B C12    1 
HETATM 842 C  C13    . HT K 3 .  ? 6.822   9.303   -5.751  1.00 10.00 ? 26 HT B C13    1 
HETATM 843 C  C14    . HT K 3 .  ? 8.710   7.886   -4.834  1.00 10.00 ? 26 HT B C14    1 
HETATM 844 N  N3     . HT K 3 .  ? 8.037   7.452   -3.784  1.00 10.00 ? 26 HT B N3     1 
HETATM 845 C  C15    . HT K 3 .  ? 8.926   6.789   -3.079  1.00 10.00 ? 26 HT B C15    1 
HETATM 846 C  C16    . HT K 3 .  ? 10.119  6.760   -3.720  1.00 10.00 ? 26 HT B C16    1 
HETATM 847 N  N4     . HT K 3 .  ? 9.916   7.394   -4.937  1.00 10.00 ? 26 HT B N4     1 
HETATM 848 C  C17    . HT K 3 .  ? 11.193  6.144   -3.060  1.00 10.00 ? 26 HT B C17    1 
HETATM 849 C  C18    . HT K 3 .  ? 10.999  5.601   -1.771  1.00 10.00 ? 26 HT B C18    1 
HETATM 850 C  C19    . HT K 3 .  ? 9.747   5.678   -1.115  1.00 10.00 ? 26 HT B C19    1 
HETATM 851 C  C20    . HT K 3 .  ? 8.661   6.236   -1.823  1.00 10.00 ? 26 HT B C20    1 
HETATM 852 N  N5     . HT K 3 .  ? 9.544   5.042   0.123   1.00 10.00 ? 26 HT B N5     1 
HETATM 853 C  C21    . HT K 3 .  ? 8.474   5.503   1.035   1.00 10.00 ? 26 HT B C21    1 
HETATM 854 C  C22    . HT K 3 .  ? 8.694   5.084   2.486   1.00 10.00 ? 26 HT B C22    1 
HETATM 855 N  N6     . HT K 3 .  ? 8.875   3.624   2.609   1.00 10.00 ? 26 HT B N6     1 
HETATM 856 C  C23    . HT K 3 .  ? 10.000  3.212   1.745   1.00 10.00 ? 26 HT B C23    1 
HETATM 857 C  C24    . HT K 3 .  ? 9.733   3.582   0.281   1.00 10.00 ? 26 HT B C24    1 
HETATM 858 C  C25    . HT K 3 .  ? 9.186   3.313   4.023   1.00 10.00 ? 26 HT B C25    1 
HETATM 859 H  HO1    . HT K 3 .  ? 1.002   15.813  -8.711  1.00 10.00 ? 26 HT B HO1    1 
HETATM 860 H  H2     . HT K 3 .  ? 1.682   14.377  -6.789  1.00 10.00 ? 26 HT B H2     1 
HETATM 861 H  H3     . HT K 3 .  ? 3.124   12.442  -6.331  1.00 10.00 ? 26 HT B H3     1 
HETATM 862 H  H5     . HT K 3 .  ? 5.290   13.214  -9.992  1.00 10.00 ? 26 HT B H5     1 
HETATM 863 H  H6     . HT K 3 .  ? 3.940   15.243  -10.347 1.00 10.00 ? 26 HT B H6     1 
HETATM 864 H  HN1    . HT K 3 .  ? 4.651   10.927  -5.923  1.00 10.00 ? 26 HT B HN1    1 
HETATM 865 H  H10    . HT K 3 .  ? 8.700   9.719   -9.152  1.00 10.00 ? 26 HT B H10    1 
HETATM 866 H  H11    . HT K 3 .  ? 9.686   8.338   -7.347  1.00 10.00 ? 26 HT B H11    1 
HETATM 867 H  H13    . HT K 3 .  ? 6.286   9.261   -4.817  1.00 10.00 ? 26 HT B H13    1 
HETATM 868 H  HN3    . HT K 3 .  ? 7.065   7.624   -3.546  1.00 10.00 ? 26 HT B HN3    1 
HETATM 869 H  H17    . HT K 3 .  ? 12.159  6.104   -3.535  1.00 10.00 ? 26 HT B H17    1 
HETATM 870 H  H18    . HT K 3 .  ? 11.830  5.123   -1.271  1.00 10.00 ? 26 HT B H18    1 
HETATM 871 H  H20    . HT K 3 .  ? 7.665   6.277   -1.409  1.00 10.00 ? 26 HT B H20    1 
HETATM 872 H  H211   . HT K 3 .  ? 8.428   6.589   0.996   1.00 10.00 ? 26 HT B H211   1 
HETATM 873 H  H212   . HT K 3 .  ? 7.514   5.122   0.691   1.00 10.00 ? 26 HT B H212   1 
HETATM 874 H  H221   . HT K 3 .  ? 9.582   5.599   2.862   1.00 10.00 ? 26 HT B H221   1 
HETATM 875 H  H222   . HT K 3 .  ? 7.830   5.405   3.071   1.00 10.00 ? 26 HT B H222   1 
HETATM 876 H  H231   . HT K 3 .  ? 10.920  3.702   2.073   1.00 10.00 ? 26 HT B H231   1 
HETATM 877 H  H232   . HT K 3 .  ? 10.143  2.133   1.809   1.00 10.00 ? 26 HT B H232   1 
HETATM 878 H  H241   . HT K 3 .  ? 10.585  3.264   -0.320  1.00 10.00 ? 26 HT B H241   1 
HETATM 879 H  H242   . HT K 3 .  ? 8.852   3.057   -0.089  1.00 10.00 ? 26 HT B H242   1 
HETATM 880 H  H253   . HT K 3 .  ? 8.397   3.679   4.683   1.00 10.00 ? 26 HT B H253   1 
HETATM 881 H  H252   . HT K 3 .  ? 10.125  3.775   4.323   1.00 10.00 ? 26 HT B H252   1 
HETATM 882 H  H251   . HT K 3 .  ? 9.288   2.236   4.177   1.00 10.00 ? 26 HT B H251   1 
HETATM 883 H  HN6    . HT K 3 .  ? 8.031   3.125   2.293   1.00 10.00 ? 26 HT B HN6    1 
HETATM 884 NA NA     . NA L 2 .  ? -1.386  -0.964  -3.641  1.00 10.00 ? 27 NA B NA     1 
HETATM 885 NA NA     . NA M 2 .  ? -6.254  -16.834 11.786  1.00 10.00 ? 30 NA B NA     1 
HETATM 886 NA NA     . NA N 2 .  ? 2.067   -16.787 10.677  1.00 10.00 ? 31 NA B NA     1 
HETATM 887 NA NA     . NA O 2 .  ? 11.752  -6.487  -11.889 1.00 10.00 ? 32 NA B NA     1 
HETATM 888 NA NA     . NA P 2 .  ? -1.914  18.693  -15.790 1.00 10.00 ? 35 NA B NA     1 
HETATM 889 NA NA     . NA Q 2 .  ? 1.345   -10.249 1.076   1.00 10.00 ? 37 NA B NA     1 
HETATM 890 NA NA     . NA R 2 .  ? -4.082  1.852   -8.176  1.00 10.00 ? 39 NA B NA     1 
HETATM 891 NA NA     . NA S 2 .  ? 8.952   -3.846  -5.303  1.00 10.00 ? 40 NA B NA     1 
HETATM 892 NA NA     . NA T 2 .  ? 19.639  -6.495  -12.710 1.00 10.00 ? 41 NA B NA     1 
HETATM 893 NA NA     . NA U 2 .  ? -14.894 -9.981  8.369   1.00 10.00 ? 42 NA B NA     1 
HETATM 894 NA NA     . NA V 2 .  ? 8.016   20.902  6.181   1.00 10.00 ? 43 NA B NA     1 
HETATM 895 NA NA     . NA W 2 .  ? 16.725  -8.077  2.154   1.00 10.00 ? 44 NA B NA     1 
# 
